data_7UD8
#
_entry.id   7UD8
#
_cell.length_a   92.234
_cell.length_b   92.234
_cell.length_c   144.065
_cell.angle_alpha   90.000
_cell.angle_beta   90.000
_cell.angle_gamma   120.000
#
_symmetry.space_group_name_H-M   'P 32 2 1'
#
loop_
_entity.id
_entity.type
_entity.pdbx_description
1 polymer 'Hemoglobin subunit alpha'
2 polymer 'Hemoglobin subunit beta'
3 non-polymer 'OXYGEN MOLECULE'
4 non-polymer 'PROTOPORPHYRIN IX CONTAINING FE'
5 non-polymer (5-methylfuran-2-yl)methanol
6 water water
#
loop_
_entity_poly.entity_id
_entity_poly.type
_entity_poly.pdbx_seq_one_letter_code
_entity_poly.pdbx_strand_id
1 'polypeptide(L)'
;MVLSPADKTNVKAAWGKVGAHAGEYGAEALERMFLSFPTTKTYFPHFDLSHGSAQVKGHGKKVADALTNAVAHVDDMPNA
LSALSDLHAHKLRVDPVNFKLLSHCLLVTLAAHLPAEFTPAVHASLDKFLASVSTVLTSKYR
;
A,C
2 'polypeptide(L)'
;MVHLTPEEKSAVTALWGKVNVDEVGGEALGRLLVVYPWTQRFFESFGDLSTPDAVMGNPKVKAHGKKVLGAFSDGLAHLD
NLKGTFATLSELHCDKLHVDPENFRLLGNVLVCVLAHHFGKEFTPPVQAAYQKVVAGVANALAHKYH
;
B,D
#
loop_
_chem_comp.id
_chem_comp.type
_chem_comp.name
_chem_comp.formula
HEM non-polymer 'PROTOPORPHYRIN IX CONTAINING FE' 'C34 H32 Fe N4 O4'
MW0 non-polymer (5-methylfuran-2-yl)methanol 'C6 H8 O2'
OXY non-polymer 'OXYGEN MOLECULE' O2
#
# COMPACT_ATOMS: atom_id res chain seq x y z
N VAL A 2 -10.64 -2.43 -10.65
CA VAL A 2 -11.69 -2.68 -11.64
C VAL A 2 -12.98 -1.97 -11.22
N LEU A 3 -13.49 -1.09 -12.08
CA LEU A 3 -14.66 -0.27 -11.79
C LEU A 3 -15.96 -0.97 -12.20
N SER A 4 -16.97 -0.84 -11.36
CA SER A 4 -18.29 -1.38 -11.65
C SER A 4 -19.07 -0.42 -12.54
N PRO A 5 -20.20 -0.87 -13.13
CA PRO A 5 -21.06 0.09 -13.85
C PRO A 5 -21.54 1.20 -12.94
N ALA A 6 -21.89 0.90 -11.68
CA ALA A 6 -22.27 1.95 -10.76
C ALA A 6 -21.12 2.92 -10.51
N ASP A 7 -19.89 2.41 -10.40
CA ASP A 7 -18.74 3.29 -10.21
C ASP A 7 -18.61 4.27 -11.36
N LYS A 8 -18.70 3.77 -12.60
CA LYS A 8 -18.54 4.66 -13.75
C LYS A 8 -19.64 5.71 -13.79
N THR A 9 -20.88 5.31 -13.49
CA THR A 9 -21.98 6.27 -13.40
C THR A 9 -21.68 7.36 -12.38
N ASN A 10 -21.28 6.96 -11.17
CA ASN A 10 -20.95 7.92 -10.12
C ASN A 10 -19.79 8.83 -10.51
N VAL A 11 -18.75 8.28 -11.14
CA VAL A 11 -17.60 9.12 -11.45
C VAL A 11 -17.94 10.11 -12.55
N LYS A 12 -18.66 9.67 -13.57
CA LYS A 12 -19.08 10.58 -14.63
C LYS A 12 -20.00 11.66 -14.08
N ALA A 13 -20.92 11.31 -13.19
CA ALA A 13 -21.85 12.29 -12.65
C ALA A 13 -21.12 13.34 -11.81
N ALA A 14 -20.24 12.90 -10.90
CA ALA A 14 -19.58 13.83 -10.00
C ALA A 14 -18.51 14.64 -10.71
N TRP A 15 -17.66 13.97 -11.50
CA TRP A 15 -16.60 14.70 -12.17
C TRP A 15 -17.15 15.64 -13.25
N GLY A 16 -18.27 15.29 -13.87
CA GLY A 16 -18.88 16.18 -14.85
C GLY A 16 -19.30 17.52 -14.27
N LYS A 17 -19.57 17.56 -12.97
CA LYS A 17 -19.94 18.82 -12.34
C LYS A 17 -18.74 19.74 -12.14
N VAL A 18 -17.52 19.22 -12.16
CA VAL A 18 -16.34 20.08 -12.05
C VAL A 18 -16.28 21.06 -13.22
N GLY A 19 -16.35 20.53 -14.43
CA GLY A 19 -16.37 21.39 -15.62
C GLY A 19 -15.23 22.39 -15.65
N ALA A 20 -15.60 23.65 -15.90
CA ALA A 20 -14.64 24.76 -16.00
C ALA A 20 -13.96 25.10 -14.68
N HIS A 21 -14.29 24.42 -13.58
CA HIS A 21 -13.49 24.50 -12.37
C HIS A 21 -12.23 23.66 -12.44
N ALA A 22 -11.99 22.98 -13.56
CA ALA A 22 -10.89 22.03 -13.70
C ALA A 22 -9.58 22.62 -13.20
N GLY A 23 -9.16 23.75 -13.76
CA GLY A 23 -7.88 24.33 -13.40
C GLY A 23 -7.82 24.76 -11.94
N GLU A 24 -8.88 25.42 -11.48
CA GLU A 24 -8.90 25.84 -10.08
C GLU A 24 -8.86 24.64 -9.15
N TYR A 25 -9.64 23.59 -9.47
CA TYR A 25 -9.71 22.48 -8.54
C TYR A 25 -8.45 21.63 -8.60
N GLY A 26 -7.86 21.46 -9.79
CA GLY A 26 -6.59 20.76 -9.89
C GLY A 26 -5.47 21.48 -9.18
N ALA A 27 -5.42 22.82 -9.32
CA ALA A 27 -4.42 23.62 -8.63
C ALA A 27 -4.61 23.52 -7.12
N GLU A 28 -5.86 23.54 -6.65
CA GLU A 28 -6.11 23.40 -5.23
C GLU A 28 -5.63 22.05 -4.70
N ALA A 29 -5.92 20.98 -5.44
CA ALA A 29 -5.49 19.65 -5.01
C ALA A 29 -3.97 19.57 -4.94
N LEU A 30 -3.28 20.16 -5.91
CA LEU A 30 -1.82 20.19 -5.87
C LEU A 30 -1.33 20.99 -4.68
N GLU A 31 -1.90 22.19 -4.47
CA GLU A 31 -1.50 23.01 -3.31
C GLU A 31 -1.72 22.25 -2.00
N ARG A 32 -2.87 21.60 -1.85
CA ARG A 32 -3.12 20.78 -0.66
C ARG A 32 -2.02 19.72 -0.49
N MET A 33 -1.65 19.07 -1.58
CA MET A 33 -0.62 18.03 -1.51
C MET A 33 0.72 18.61 -1.11
N PHE A 34 1.12 19.72 -1.74
CA PHE A 34 2.42 20.30 -1.46
C PHE A 34 2.50 20.79 -0.01
N LEU A 35 1.41 21.35 0.52
CA LEU A 35 1.42 21.82 1.90
C LEU A 35 1.30 20.67 2.89
N SER A 36 0.44 19.70 2.60
CA SER A 36 0.21 18.62 3.54
C SER A 36 1.34 17.60 3.54
N PHE A 37 1.96 17.35 2.40
CA PHE A 37 2.98 16.31 2.25
C PHE A 37 4.16 16.94 1.53
N PRO A 38 4.95 17.75 2.22
CA PRO A 38 6.00 18.53 1.54
C PRO A 38 7.01 17.67 0.79
N THR A 39 7.12 16.37 1.11
CA THR A 39 8.05 15.53 0.34
C THR A 39 7.68 15.48 -1.12
N THR A 40 6.40 15.69 -1.47
CA THR A 40 5.99 15.65 -2.87
C THR A 40 6.63 16.76 -3.70
N LYS A 41 7.07 17.85 -3.05
CA LYS A 41 7.64 18.96 -3.81
C LYS A 41 8.92 18.59 -4.53
N THR A 42 9.54 17.46 -4.19
CA THR A 42 10.81 17.07 -4.82
C THR A 42 10.64 16.85 -6.31
N TYR A 43 9.44 16.50 -6.76
CA TYR A 43 9.26 16.21 -8.17
C TYR A 43 9.09 17.47 -9.01
N PHE A 44 9.04 18.66 -8.39
CA PHE A 44 8.74 19.91 -9.09
C PHE A 44 9.82 20.96 -8.80
N PRO A 45 11.09 20.65 -9.07
CA PRO A 45 12.17 21.58 -8.66
C PRO A 45 12.16 22.90 -9.40
N HIS A 46 11.78 22.90 -10.68
CA HIS A 46 11.72 24.09 -11.53
C HIS A 46 10.45 24.91 -11.30
N PHE A 47 9.55 24.42 -10.47
CA PHE A 47 8.25 25.05 -10.27
C PHE A 47 8.33 26.13 -9.20
N ASP A 48 7.63 27.24 -9.44
CA ASP A 48 7.20 28.11 -8.37
C ASP A 48 6.00 27.48 -7.69
N LEU A 49 6.14 27.11 -6.42
CA LEU A 49 5.11 26.39 -5.70
C LEU A 49 4.37 27.26 -4.69
N SER A 50 4.54 28.58 -4.77
CA SER A 50 3.88 29.48 -3.82
C SER A 50 2.37 29.47 -4.02
N HIS A 51 1.65 30.05 -3.05
CA HIS A 51 0.20 29.84 -2.94
C HIS A 51 -0.52 30.05 -4.27
N GLY A 52 -0.47 31.27 -4.81
CA GLY A 52 -1.23 31.55 -6.01
C GLY A 52 -0.45 31.41 -7.30
N SER A 53 0.61 30.60 -7.27
CA SER A 53 1.53 30.46 -8.39
C SER A 53 0.80 30.22 -9.71
N ALA A 54 1.19 30.99 -10.74
CA ALA A 54 0.59 30.79 -12.06
C ALA A 54 1.07 29.49 -12.68
N GLN A 55 2.27 29.03 -12.31
CA GLN A 55 2.74 27.72 -12.76
C GLN A 55 1.83 26.60 -12.25
N VAL A 56 1.47 26.66 -10.97
CA VAL A 56 0.64 25.60 -10.39
C VAL A 56 -0.77 25.66 -10.96
N LYS A 57 -1.27 26.86 -11.20
CA LYS A 57 -2.60 27.00 -11.77
C LYS A 57 -2.68 26.38 -13.15
N GLY A 58 -1.65 26.57 -13.97
CA GLY A 58 -1.68 26.02 -15.31
C GLY A 58 -1.43 24.52 -15.32
N HIS A 59 -0.54 24.06 -14.44
CA HIS A 59 -0.32 22.63 -14.31
C HIS A 59 -1.57 21.93 -13.76
N GLY A 60 -2.24 22.54 -12.79
CA GLY A 60 -3.46 21.95 -12.28
C GLY A 60 -4.51 21.74 -13.35
N LYS A 61 -4.61 22.67 -14.31
CA LYS A 61 -5.56 22.49 -15.39
C LYS A 61 -5.19 21.30 -16.26
N LYS A 62 -3.89 21.07 -16.48
CA LYS A 62 -3.46 19.90 -17.26
C LYS A 62 -3.83 18.61 -16.55
N VAL A 63 -3.67 18.57 -15.21
CA VAL A 63 -4.00 17.37 -14.45
C VAL A 63 -5.51 17.11 -14.48
N ALA A 64 -6.30 18.15 -14.21
CA ALA A 64 -7.75 17.98 -14.19
C ALA A 64 -8.26 17.53 -15.55
N ASP A 65 -7.72 18.11 -16.63
CA ASP A 65 -8.17 17.74 -17.97
C ASP A 65 -7.75 16.31 -18.34
N ALA A 66 -6.56 15.89 -17.88
CA ALA A 66 -6.16 14.49 -18.05
C ALA A 66 -7.14 13.57 -17.35
N LEU A 67 -7.65 13.99 -16.18
CA LEU A 67 -8.64 13.19 -15.49
C LEU A 67 -9.96 13.18 -16.26
N THR A 68 -10.34 14.32 -16.85
CA THR A 68 -11.55 14.33 -17.66
C THR A 68 -11.41 13.36 -18.83
N ASN A 69 -10.24 13.38 -19.48
CA ASN A 69 -9.97 12.42 -20.55
C ASN A 69 -10.03 10.98 -20.03
N ALA A 70 -9.43 10.72 -18.87
CA ALA A 70 -9.52 9.40 -18.27
C ALA A 70 -10.97 8.99 -18.01
N VAL A 71 -11.81 9.93 -17.55
CA VAL A 71 -13.21 9.61 -17.31
C VAL A 71 -13.90 9.19 -18.60
N ALA A 72 -13.63 9.93 -19.69
CA ALA A 72 -14.25 9.60 -20.97
C ALA A 72 -13.80 8.25 -21.49
N HIS A 73 -12.55 7.87 -21.21
CA HIS A 73 -11.99 6.60 -21.66
C HIS A 73 -11.83 5.63 -20.49
N VAL A 74 -12.82 5.61 -19.60
CA VAL A 74 -12.72 4.82 -18.38
C VAL A 74 -12.54 3.34 -18.69
N ASP A 75 -13.12 2.86 -19.79
CA ASP A 75 -12.95 1.47 -20.17
C ASP A 75 -11.66 1.22 -20.94
N ASP A 76 -10.81 2.23 -21.10
CA ASP A 76 -9.72 2.16 -22.06
C ASP A 76 -8.52 2.97 -21.57
N MET A 77 -8.24 2.91 -20.28
CA MET A 77 -7.28 3.85 -19.70
C MET A 77 -5.82 3.59 -20.04
N PRO A 78 -5.34 2.32 -20.11
CA PRO A 78 -3.94 2.15 -20.49
C PRO A 78 -3.64 2.75 -21.85
N ASN A 79 -4.57 2.61 -22.80
CA ASN A 79 -4.38 3.18 -24.13
C ASN A 79 -4.44 4.70 -24.08
N ALA A 80 -5.48 5.25 -23.45
CA ALA A 80 -5.65 6.70 -23.44
C ALA A 80 -4.54 7.41 -22.69
N LEU A 81 -4.03 6.80 -21.62
CA LEU A 81 -3.05 7.46 -20.75
C LEU A 81 -1.61 7.00 -21.02
N SER A 82 -1.34 6.37 -22.17
CA SER A 82 -0.03 5.78 -22.37
C SER A 82 1.08 6.80 -22.30
N ALA A 83 0.86 7.99 -22.87
CA ALA A 83 1.89 9.03 -22.80
C ALA A 83 2.14 9.46 -21.36
N LEU A 84 1.08 9.56 -20.56
CA LEU A 84 1.26 9.97 -19.16
C LEU A 84 1.96 8.89 -18.36
N SER A 85 1.65 7.62 -18.64
CA SER A 85 2.37 6.53 -17.99
C SER A 85 3.85 6.59 -18.33
N ASP A 86 4.16 6.83 -19.60
CA ASP A 86 5.55 6.98 -20.00
C ASP A 86 6.22 8.11 -19.23
N LEU A 87 5.52 9.23 -19.06
CA LEU A 87 6.08 10.33 -18.31
C LEU A 87 6.29 9.97 -16.83
N HIS A 88 5.25 9.45 -16.18
CA HIS A 88 5.32 9.31 -14.72
C HIS A 88 6.11 8.08 -14.30
N ALA A 89 5.98 6.98 -15.04
CA ALA A 89 6.63 5.73 -14.67
C ALA A 89 8.02 5.59 -15.26
N HIS A 90 8.17 5.87 -16.56
CA HIS A 90 9.49 5.72 -17.20
C HIS A 90 10.41 6.88 -16.89
N LYS A 91 9.93 8.11 -17.10
CA LYS A 91 10.81 9.27 -17.03
C LYS A 91 10.94 9.82 -15.60
N LEU A 92 9.81 10.15 -14.97
CA LEU A 92 9.83 10.77 -13.66
C LEU A 92 10.06 9.78 -12.54
N ARG A 93 9.67 8.52 -12.73
CA ARG A 93 9.86 7.47 -11.73
C ARG A 93 9.19 7.86 -10.40
N VAL A 94 7.92 8.26 -10.49
CA VAL A 94 7.20 8.74 -9.31
C VAL A 94 6.91 7.57 -8.38
N ASP A 95 7.29 7.70 -7.11
CA ASP A 95 6.99 6.65 -6.13
C ASP A 95 5.47 6.50 -6.00
N PRO A 96 4.94 5.28 -6.16
CA PRO A 96 3.49 5.05 -6.06
C PRO A 96 2.80 5.70 -4.88
N VAL A 97 3.50 5.87 -3.75
CA VAL A 97 2.85 6.47 -2.59
C VAL A 97 2.34 7.87 -2.92
N ASN A 98 3.04 8.59 -3.80
CA ASN A 98 2.64 9.96 -4.07
C ASN A 98 1.30 10.04 -4.79
N PHE A 99 0.98 9.02 -5.59
CA PHE A 99 -0.33 8.98 -6.23
C PHE A 99 -1.45 8.85 -5.20
N LYS A 100 -1.22 8.13 -4.12
CA LYS A 100 -2.22 8.06 -3.06
C LYS A 100 -2.40 9.41 -2.40
N LEU A 101 -1.31 10.17 -2.25
CA LEU A 101 -1.39 11.49 -1.63
C LEU A 101 -2.17 12.46 -2.49
N LEU A 102 -1.85 12.53 -3.79
CA LEU A 102 -2.58 13.44 -4.67
C LEU A 102 -4.04 13.02 -4.81
N SER A 103 -4.29 11.70 -4.88
CA SER A 103 -5.66 11.21 -5.00
C SER A 103 -6.49 11.62 -3.78
N HIS A 104 -5.92 11.45 -2.59
CA HIS A 104 -6.57 11.93 -1.36
C HIS A 104 -6.82 13.45 -1.41
N CYS A 105 -5.83 14.22 -1.87
CA CYS A 105 -6.04 15.67 -1.92
C CYS A 105 -7.08 16.05 -2.97
N LEU A 106 -7.21 15.25 -4.03
CA LEU A 106 -8.29 15.48 -4.98
C LEU A 106 -9.65 15.17 -4.36
N LEU A 107 -9.75 14.07 -3.59
CA LEU A 107 -11.01 13.81 -2.91
C LEU A 107 -11.35 14.93 -1.92
N VAL A 108 -10.36 15.41 -1.17
CA VAL A 108 -10.61 16.52 -0.24
C VAL A 108 -11.14 17.73 -1.01
N THR A 109 -10.50 18.04 -2.14
CA THR A 109 -10.92 19.19 -2.94
C THR A 109 -12.34 19.02 -3.45
N LEU A 110 -12.69 17.82 -3.94
CA LEU A 110 -14.06 17.58 -4.38
C LEU A 110 -15.04 17.69 -3.21
N ALA A 111 -14.68 17.12 -2.06
CA ALA A 111 -15.55 17.19 -0.89
C ALA A 111 -15.79 18.62 -0.45
N ALA A 112 -14.75 19.47 -0.52
CA ALA A 112 -14.88 20.85 -0.06
C ALA A 112 -15.77 21.67 -0.99
N HIS A 113 -15.85 21.29 -2.27
CA HIS A 113 -16.53 22.11 -3.27
C HIS A 113 -17.87 21.55 -3.69
N LEU A 114 -18.09 20.24 -3.55
CA LEU A 114 -19.28 19.57 -4.05
C LEU A 114 -19.93 18.75 -2.95
N PRO A 115 -20.38 19.39 -1.87
CA PRO A 115 -20.88 18.61 -0.72
C PRO A 115 -22.06 17.71 -1.05
N ALA A 116 -23.04 18.20 -1.80
CA ALA A 116 -24.20 17.39 -2.14
C ALA A 116 -23.81 16.19 -3.01
N GLU A 117 -22.81 16.36 -3.88
CA GLU A 117 -22.39 15.29 -4.76
C GLU A 117 -21.54 14.24 -4.05
N PHE A 118 -20.82 14.63 -3.01
CA PHE A 118 -19.78 13.77 -2.42
C PHE A 118 -20.38 12.86 -1.35
N THR A 119 -21.27 11.98 -1.82
CA THR A 119 -21.93 10.99 -0.98
C THR A 119 -20.94 9.87 -0.68
N PRO A 120 -21.25 9.01 0.31
CA PRO A 120 -20.37 7.86 0.56
C PRO A 120 -20.18 6.98 -0.66
N ALA A 121 -21.25 6.67 -1.39
CA ALA A 121 -21.12 5.84 -2.59
C ALA A 121 -20.24 6.52 -3.63
N VAL A 122 -20.42 7.83 -3.84
CA VAL A 122 -19.65 8.53 -4.86
C VAL A 122 -18.19 8.69 -4.44
N HIS A 123 -17.97 9.06 -3.18
CA HIS A 123 -16.64 8.99 -2.57
C HIS A 123 -15.94 7.67 -2.87
N ALA A 124 -16.64 6.56 -2.63
CA ALA A 124 -16.05 5.24 -2.85
C ALA A 124 -15.72 5.02 -4.33
N SER A 125 -16.60 5.46 -5.22
CA SER A 125 -16.32 5.27 -6.65
C SER A 125 -15.16 6.14 -7.10
N LEU A 126 -15.10 7.40 -6.62
CA LEU A 126 -14.01 8.26 -7.02
C LEU A 126 -12.68 7.73 -6.52
N ASP A 127 -12.67 7.15 -5.32
CA ASP A 127 -11.42 6.57 -4.80
C ASP A 127 -10.92 5.45 -5.72
N LYS A 128 -11.81 4.54 -6.12
CA LYS A 128 -11.41 3.46 -6.99
C LYS A 128 -10.94 3.99 -8.34
N PHE A 129 -11.65 4.98 -8.88
CA PHE A 129 -11.25 5.55 -10.17
C PHE A 129 -9.85 6.13 -10.09
N LEU A 130 -9.59 6.93 -9.05
CA LEU A 130 -8.27 7.53 -8.89
C LEU A 130 -7.21 6.48 -8.66
N ALA A 131 -7.54 5.43 -7.89
CA ALA A 131 -6.60 4.32 -7.74
C ALA A 131 -6.29 3.68 -9.08
N SER A 132 -7.31 3.55 -9.95
CA SER A 132 -7.11 2.95 -11.27
C SER A 132 -6.22 3.81 -12.15
N VAL A 133 -6.47 5.12 -12.15
CA VAL A 133 -5.58 6.04 -12.86
C VAL A 133 -4.16 5.91 -12.35
N SER A 134 -4.00 5.84 -11.03
CA SER A 134 -2.67 5.78 -10.44
C SER A 134 -1.92 4.53 -10.87
N THR A 135 -2.64 3.41 -10.97
CA THR A 135 -2.00 2.16 -11.42
C THR A 135 -1.48 2.29 -12.83
N VAL A 136 -2.26 2.92 -13.71
CA VAL A 136 -1.80 3.12 -15.09
C VAL A 136 -0.57 4.01 -15.09
N LEU A 137 -0.60 5.10 -14.33
CA LEU A 137 0.50 6.07 -14.39
C LEU A 137 1.78 5.54 -13.76
N THR A 138 1.69 4.50 -12.93
CA THR A 138 2.88 3.91 -12.31
C THR A 138 3.35 2.64 -13.00
N SER A 139 2.62 2.15 -14.00
CA SER A 139 3.00 0.94 -14.71
C SER A 139 3.85 1.28 -15.92
N LYS A 140 4.90 0.48 -16.14
CA LYS A 140 5.68 0.55 -17.37
C LYS A 140 5.19 -0.58 -18.27
N TYR A 141 4.28 -0.27 -19.19
CA TYR A 141 3.69 -1.30 -20.05
C TYR A 141 4.01 -1.09 -21.53
N ARG A 142 5.05 -0.33 -21.85
CA ARG A 142 5.58 -0.27 -23.21
C ARG A 142 7.08 0.06 -23.19
N VAL B 2 3.57 14.83 17.85
CA VAL B 2 3.24 15.68 16.71
C VAL B 2 3.62 17.12 16.99
N HIS B 3 4.18 17.78 15.98
CA HIS B 3 4.63 19.17 16.08
C HIS B 3 3.74 20.03 15.20
N LEU B 4 2.80 20.75 15.82
CA LEU B 4 2.04 21.78 15.15
C LEU B 4 2.60 23.14 15.54
N THR B 5 2.67 24.05 14.58
CA THR B 5 2.99 25.43 14.91
C THR B 5 1.90 26.00 15.80
N PRO B 6 2.20 27.05 16.57
CA PRO B 6 1.14 27.72 17.33
C PRO B 6 -0.05 28.12 16.48
N GLU B 7 0.20 28.57 15.24
CA GLU B 7 -0.89 28.94 14.36
C GLU B 7 -1.71 27.73 13.93
N GLU B 8 -1.04 26.61 13.61
CA GLU B 8 -1.74 25.39 13.23
C GLU B 8 -2.58 24.86 14.39
N LYS B 9 -1.99 24.81 15.60
CA LYS B 9 -2.74 24.36 16.77
C LYS B 9 -3.99 25.21 16.98
N SER B 10 -3.88 26.52 16.81
CA SER B 10 -5.05 27.39 16.98
C SER B 10 -6.10 27.12 15.91
N ALA B 11 -5.68 26.95 14.66
CA ALA B 11 -6.63 26.71 13.59
C ALA B 11 -7.30 25.35 13.75
N VAL B 12 -6.52 24.33 14.13
CA VAL B 12 -7.06 23.00 14.40
C VAL B 12 -8.07 23.06 15.54
N THR B 13 -7.74 23.77 16.61
CA THR B 13 -8.63 23.84 17.77
C THR B 13 -9.92 24.58 17.42
N ALA B 14 -9.81 25.71 16.72
CA ALA B 14 -10.99 26.48 16.37
C ALA B 14 -11.95 25.66 15.51
N LEU B 15 -11.42 24.94 14.51
CA LEU B 15 -12.28 24.12 13.68
C LEU B 15 -12.91 22.99 14.49
N TRP B 16 -12.12 22.31 15.30
CA TRP B 16 -12.63 21.17 16.04
C TRP B 16 -13.72 21.60 17.02
N GLY B 17 -13.69 22.84 17.49
CA GLY B 17 -14.74 23.32 18.36
C GLY B 17 -16.10 23.42 17.68
N LYS B 18 -16.14 23.37 16.35
CA LYS B 18 -17.38 23.42 15.59
C LYS B 18 -17.86 22.05 15.16
N VAL B 19 -17.10 20.99 15.45
CA VAL B 19 -17.44 19.65 15.03
C VAL B 19 -18.62 19.14 15.86
N ASN B 20 -19.63 18.60 15.16
CA ASN B 20 -20.74 17.94 15.84
C ASN B 20 -20.26 16.62 16.42
N VAL B 21 -20.08 16.58 17.74
CA VAL B 21 -19.54 15.41 18.42
C VAL B 21 -20.43 14.18 18.27
N ASP B 22 -21.71 14.38 17.96
CA ASP B 22 -22.66 13.28 17.84
C ASP B 22 -22.71 12.66 16.45
N GLU B 23 -22.13 13.29 15.45
CA GLU B 23 -22.33 12.87 14.08
C GLU B 23 -21.05 12.61 13.30
N VAL B 24 -20.01 13.42 13.50
CA VAL B 24 -18.84 13.37 12.60
C VAL B 24 -18.13 12.03 12.72
N GLY B 25 -18.05 11.47 13.92
CA GLY B 25 -17.40 10.17 14.08
C GLY B 25 -18.14 9.08 13.35
N GLY B 26 -19.47 9.05 13.47
CA GLY B 26 -20.25 8.08 12.73
C GLY B 26 -20.13 8.26 11.23
N GLU B 27 -20.04 9.51 10.77
CA GLU B 27 -19.88 9.75 9.34
C GLU B 27 -18.53 9.23 8.86
N ALA B 28 -17.47 9.45 9.64
CA ALA B 28 -16.14 8.99 9.26
C ALA B 28 -16.07 7.47 9.29
N LEU B 29 -16.58 6.85 10.36
CA LEU B 29 -16.53 5.39 10.44
C LEU B 29 -17.39 4.77 9.34
N GLY B 30 -18.57 5.32 9.10
CA GLY B 30 -19.41 4.83 8.03
C GLY B 30 -18.72 4.88 6.67
N ARG B 31 -18.09 6.02 6.34
CA ARG B 31 -17.41 6.13 5.06
C ARG B 31 -16.24 5.16 4.97
N LEU B 32 -15.54 4.90 6.08
CA LEU B 32 -14.52 3.86 6.06
C LEU B 32 -15.10 2.53 5.60
N LEU B 33 -16.23 2.14 6.19
CA LEU B 33 -16.87 0.87 5.87
C LEU B 33 -17.42 0.83 4.45
N VAL B 34 -17.80 1.98 3.89
CA VAL B 34 -18.30 2.03 2.53
C VAL B 34 -17.16 2.10 1.52
N VAL B 35 -16.20 2.98 1.75
CA VAL B 35 -15.11 3.21 0.80
C VAL B 35 -14.11 2.05 0.82
N TYR B 36 -13.90 1.41 1.95
CA TYR B 36 -12.96 0.30 2.09
C TYR B 36 -13.70 -0.89 2.67
N PRO B 37 -14.48 -1.60 1.87
CA PRO B 37 -15.50 -2.53 2.42
C PRO B 37 -14.92 -3.69 3.19
N TRP B 38 -13.64 -4.02 2.98
CA TRP B 38 -13.05 -5.09 3.79
C TRP B 38 -13.01 -4.73 5.27
N THR B 39 -13.02 -3.44 5.61
CA THR B 39 -13.07 -3.08 7.02
C THR B 39 -14.35 -3.56 7.70
N GLN B 40 -15.39 -3.87 6.92
CA GLN B 40 -16.63 -4.37 7.51
C GLN B 40 -16.42 -5.69 8.23
N ARG B 41 -15.40 -6.45 7.84
CA ARG B 41 -15.15 -7.73 8.48
C ARG B 41 -14.89 -7.56 9.98
N PHE B 42 -14.33 -6.42 10.39
CA PHE B 42 -14.08 -6.16 11.80
C PHE B 42 -15.32 -5.73 12.56
N PHE B 43 -16.43 -5.47 11.87
CA PHE B 43 -17.61 -4.91 12.53
C PHE B 43 -18.88 -5.70 12.22
N GLU B 44 -18.75 -7.02 12.02
CA GLU B 44 -19.94 -7.81 11.69
C GLU B 44 -20.98 -7.75 12.79
N SER B 45 -20.57 -7.54 14.05
CA SER B 45 -21.54 -7.47 15.12
C SER B 45 -22.42 -6.23 15.05
N PHE B 46 -22.13 -5.29 14.15
CA PHE B 46 -22.96 -4.09 14.04
C PHE B 46 -24.26 -4.34 13.25
N GLY B 47 -24.40 -5.49 12.62
CA GLY B 47 -25.64 -5.83 11.93
C GLY B 47 -25.58 -5.53 10.44
N ASP B 48 -26.62 -4.88 9.92
CA ASP B 48 -26.77 -4.66 8.49
C ASP B 48 -25.77 -3.61 7.99
N LEU B 49 -24.81 -4.04 7.17
CA LEU B 49 -23.85 -3.18 6.51
C LEU B 49 -23.89 -3.39 5.00
N SER B 50 -25.02 -3.85 4.50
CA SER B 50 -25.10 -4.44 3.16
C SER B 50 -25.10 -3.42 2.03
N THR B 51 -25.37 -2.15 2.30
CA THR B 51 -25.39 -1.12 1.27
C THR B 51 -24.89 0.17 1.91
N PRO B 52 -24.47 1.15 1.09
CA PRO B 52 -24.00 2.40 1.71
C PRO B 52 -25.06 3.01 2.61
N ASP B 53 -26.32 3.05 2.17
CA ASP B 53 -27.37 3.64 3.00
C ASP B 53 -27.53 2.87 4.30
N ALA B 54 -27.43 1.54 4.25
CA ALA B 54 -27.56 0.75 5.47
C ALA B 54 -26.40 1.02 6.42
N VAL B 55 -25.18 1.18 5.90
CA VAL B 55 -24.05 1.50 6.75
C VAL B 55 -24.25 2.86 7.40
N MET B 56 -24.54 3.88 6.60
CA MET B 56 -24.64 5.24 7.14
C MET B 56 -25.83 5.39 8.07
N GLY B 57 -26.86 4.56 7.91
CA GLY B 57 -27.98 4.63 8.82
C GLY B 57 -27.94 3.65 9.97
N ASN B 58 -26.87 2.89 10.08
CA ASN B 58 -26.77 1.86 11.11
C ASN B 58 -26.54 2.51 12.47
N PRO B 59 -27.43 2.30 13.45
CA PRO B 59 -27.23 2.98 14.74
C PRO B 59 -25.99 2.54 15.48
N LYS B 60 -25.55 1.30 15.27
CA LYS B 60 -24.33 0.87 15.96
C LYS B 60 -23.10 1.55 15.37
N VAL B 61 -23.11 1.81 14.06
CA VAL B 61 -22.04 2.59 13.44
C VAL B 61 -21.99 3.99 14.05
N LYS B 62 -23.14 4.66 14.10
CA LYS B 62 -23.18 6.01 14.65
C LYS B 62 -22.70 6.03 16.10
N ALA B 63 -23.15 5.06 16.92
CA ALA B 63 -22.80 5.07 18.33
C ALA B 63 -21.31 4.81 18.53
N HIS B 64 -20.76 3.81 17.82
CA HIS B 64 -19.32 3.58 17.94
C HIS B 64 -18.51 4.75 17.39
N GLY B 65 -19.02 5.42 16.35
CA GLY B 65 -18.32 6.58 15.81
C GLY B 65 -18.10 7.67 16.83
N LYS B 66 -19.04 7.86 17.77
CA LYS B 66 -18.84 8.84 18.83
C LYS B 66 -17.63 8.50 19.68
N LYS B 67 -17.38 7.20 19.93
CA LYS B 67 -16.20 6.81 20.68
C LYS B 67 -14.92 7.06 19.87
N VAL B 68 -14.95 6.73 18.58
CA VAL B 68 -13.81 7.04 17.72
C VAL B 68 -13.49 8.53 17.76
N LEU B 69 -14.51 9.37 17.61
CA LEU B 69 -14.27 10.81 17.58
C LEU B 69 -13.74 11.31 18.91
N GLY B 70 -14.17 10.71 20.03
CA GLY B 70 -13.63 11.10 21.32
C GLY B 70 -12.16 10.76 21.47
N ALA B 71 -11.72 9.69 20.81
CA ALA B 71 -10.31 9.34 20.82
C ALA B 71 -9.49 10.36 20.04
N PHE B 72 -10.01 10.82 18.90
CA PHE B 72 -9.34 11.90 18.18
C PHE B 72 -9.32 13.18 19.02
N SER B 73 -10.43 13.46 19.72
CA SER B 73 -10.45 14.61 20.63
C SER B 73 -9.36 14.51 21.68
N ASP B 74 -9.18 13.32 22.26
CA ASP B 74 -8.11 13.12 23.24
C ASP B 74 -6.74 13.37 22.62
N GLY B 75 -6.53 12.90 21.39
CA GLY B 75 -5.26 13.16 20.74
C GLY B 75 -5.00 14.64 20.57
N LEU B 76 -6.03 15.39 20.20
CA LEU B 76 -5.89 16.83 20.00
C LEU B 76 -5.57 17.56 21.30
N ALA B 77 -5.94 16.99 22.44
CA ALA B 77 -5.62 17.56 23.74
C ALA B 77 -4.25 17.13 24.26
N HIS B 78 -3.55 16.25 23.55
CA HIS B 78 -2.27 15.72 24.01
C HIS B 78 -1.32 15.56 22.82
N LEU B 79 -1.18 16.63 22.03
CA LEU B 79 -0.44 16.54 20.78
C LEU B 79 1.03 16.17 21.00
N ASP B 80 1.58 16.51 22.17
CA ASP B 80 2.98 16.21 22.44
C ASP B 80 3.19 14.87 23.13
N ASN B 81 2.11 14.15 23.50
CA ASN B 81 2.22 12.79 24.00
C ASN B 81 1.08 11.94 23.42
N LEU B 82 1.19 11.63 22.12
CA LEU B 82 0.18 10.79 21.48
C LEU B 82 0.39 9.32 21.79
N LYS B 83 1.64 8.87 21.87
CA LYS B 83 1.91 7.45 22.07
C LYS B 83 1.42 6.98 23.43
N GLY B 84 1.58 7.82 24.45
CA GLY B 84 1.05 7.47 25.76
C GLY B 84 -0.46 7.55 25.79
N THR B 85 -1.04 8.51 25.08
CA THR B 85 -2.49 8.68 25.09
C THR B 85 -3.19 7.47 24.46
N PHE B 86 -2.59 6.89 23.43
CA PHE B 86 -3.18 5.79 22.67
C PHE B 86 -2.56 4.44 22.98
N ALA B 87 -1.78 4.34 24.07
CA ALA B 87 -1.13 3.07 24.39
C ALA B 87 -2.15 1.95 24.57
N THR B 88 -3.23 2.20 25.32
CA THR B 88 -4.20 1.13 25.55
C THR B 88 -4.99 0.82 24.28
N LEU B 89 -5.33 1.85 23.50
CA LEU B 89 -5.99 1.63 22.22
C LEU B 89 -5.09 0.87 21.25
N SER B 90 -3.78 1.11 21.31
CA SER B 90 -2.86 0.41 20.43
C SER B 90 -2.82 -1.08 20.76
N GLU B 91 -2.72 -1.44 22.04
CA GLU B 91 -2.78 -2.85 22.42
C GLU B 91 -4.08 -3.50 21.99
N LEU B 92 -5.20 -2.78 22.10
CA LEU B 92 -6.47 -3.34 21.67
C LEU B 92 -6.49 -3.59 20.17
N HIS B 93 -6.11 -2.58 19.38
CA HIS B 93 -6.19 -2.72 17.93
C HIS B 93 -5.12 -3.65 17.38
N CYS B 94 -3.96 -3.70 18.01
CA CYS B 94 -2.85 -4.50 17.51
C CYS B 94 -2.88 -5.90 18.11
N ASP B 95 -2.70 -6.01 19.43
CA ASP B 95 -2.56 -7.31 20.06
C ASP B 95 -3.86 -8.11 20.03
N LYS B 96 -5.01 -7.46 20.02
CA LYS B 96 -6.28 -8.15 20.14
C LYS B 96 -7.06 -8.23 18.83
N LEU B 97 -7.26 -7.11 18.14
CA LEU B 97 -8.07 -7.09 16.93
C LEU B 97 -7.29 -7.39 15.66
N HIS B 98 -5.97 -7.17 15.68
CA HIS B 98 -5.10 -7.43 14.53
C HIS B 98 -5.57 -6.66 13.29
N VAL B 99 -5.80 -5.37 13.48
CA VAL B 99 -6.09 -4.45 12.38
C VAL B 99 -4.77 -4.07 11.72
N ASP B 100 -4.62 -4.41 10.43
CA ASP B 100 -3.41 -4.00 9.74
C ASP B 100 -3.26 -2.49 9.81
N PRO B 101 -2.06 -1.98 10.13
CA PRO B 101 -1.94 -0.54 10.44
C PRO B 101 -2.20 0.39 9.27
N GLU B 102 -2.13 -0.08 8.02
CA GLU B 102 -2.50 0.79 6.91
C GLU B 102 -3.94 1.28 7.05
N ASN B 103 -4.80 0.49 7.69
CA ASN B 103 -6.18 0.91 7.86
C ASN B 103 -6.30 2.09 8.82
N PHE B 104 -5.38 2.23 9.79
CA PHE B 104 -5.37 3.43 10.61
C PHE B 104 -5.24 4.68 9.76
N ARG B 105 -4.28 4.66 8.83
CA ARG B 105 -4.11 5.79 7.92
C ARG B 105 -5.37 6.06 7.12
N LEU B 106 -6.08 5.00 6.71
CA LEU B 106 -7.28 5.17 5.92
C LEU B 106 -8.38 5.89 6.69
N LEU B 107 -8.60 5.50 7.96
CA LEU B 107 -9.62 6.17 8.76
C LEU B 107 -9.26 7.63 8.99
N GLY B 108 -8.00 7.92 9.28
CA GLY B 108 -7.60 9.30 9.42
C GLY B 108 -7.87 10.12 8.17
N ASN B 109 -7.59 9.54 6.99
CA ASN B 109 -7.82 10.30 5.78
C ASN B 109 -9.32 10.42 5.47
N VAL B 110 -10.11 9.41 5.86
CA VAL B 110 -11.57 9.57 5.72
C VAL B 110 -12.07 10.68 6.63
N LEU B 111 -11.58 10.74 7.88
CA LEU B 111 -11.98 11.85 8.75
C LEU B 111 -11.65 13.19 8.12
N VAL B 112 -10.46 13.32 7.50
CA VAL B 112 -10.12 14.56 6.82
C VAL B 112 -11.13 14.87 5.71
N CYS B 113 -11.52 13.85 4.94
CA CYS B 113 -12.53 14.04 3.89
C CYS B 113 -13.86 14.49 4.48
N VAL B 114 -14.23 13.94 5.65
CA VAL B 114 -15.47 14.35 6.31
C VAL B 114 -15.41 15.80 6.77
N LEU B 115 -14.27 16.23 7.33
CA LEU B 115 -14.12 17.62 7.72
C LEU B 115 -14.21 18.55 6.52
N ALA B 116 -13.56 18.17 5.42
CA ALA B 116 -13.66 18.95 4.20
C ALA B 116 -15.11 19.00 3.71
N HIS B 117 -15.81 17.86 3.78
CA HIS B 117 -17.20 17.83 3.32
C HIS B 117 -18.09 18.73 4.17
N HIS B 118 -17.85 18.75 5.48
CA HIS B 118 -18.70 19.53 6.38
C HIS B 118 -18.38 21.02 6.31
N PHE B 119 -17.10 21.38 6.24
CA PHE B 119 -16.70 22.76 6.41
C PHE B 119 -16.44 23.49 5.10
N GLY B 120 -16.38 22.78 3.98
CA GLY B 120 -16.21 23.42 2.69
C GLY B 120 -14.97 24.29 2.64
N LYS B 121 -15.16 25.52 2.16
CA LYS B 121 -14.03 26.42 1.94
C LYS B 121 -13.29 26.77 3.22
N GLU B 122 -13.90 26.54 4.39
CA GLU B 122 -13.24 26.80 5.66
C GLU B 122 -12.11 25.79 5.91
N PHE B 123 -12.20 24.61 5.31
CA PHE B 123 -11.15 23.59 5.44
C PHE B 123 -10.05 23.89 4.41
N THR B 124 -9.36 24.99 4.65
CA THR B 124 -8.35 25.50 3.74
C THR B 124 -7.17 24.53 3.62
N PRO B 125 -6.34 24.70 2.61
CA PRO B 125 -5.12 23.86 2.51
C PRO B 125 -4.26 23.93 3.75
N PRO B 126 -4.02 25.12 4.34
CA PRO B 126 -3.20 25.13 5.57
C PRO B 126 -3.88 24.42 6.75
N VAL B 127 -5.20 24.52 6.86
CA VAL B 127 -5.89 23.80 7.93
C VAL B 127 -5.82 22.30 7.69
N GLN B 128 -5.96 21.87 6.43
CA GLN B 128 -5.80 20.46 6.14
C GLN B 128 -4.40 19.98 6.49
N ALA B 129 -3.39 20.74 6.09
CA ALA B 129 -2.01 20.34 6.38
C ALA B 129 -1.83 20.09 7.87
N ALA B 130 -2.40 20.94 8.70
CA ALA B 130 -2.31 20.73 10.14
C ALA B 130 -3.07 19.48 10.56
N TYR B 131 -4.28 19.28 10.02
CA TYR B 131 -5.00 18.07 10.37
C TYR B 131 -4.30 16.82 9.88
N GLN B 132 -3.58 16.87 8.75
CA GLN B 132 -2.85 15.69 8.31
C GLN B 132 -1.77 15.31 9.32
N LYS B 133 -1.13 16.31 9.93
CA LYS B 133 -0.13 15.99 10.94
C LYS B 133 -0.77 15.31 12.14
N VAL B 134 -1.96 15.78 12.53
CA VAL B 134 -2.67 15.18 13.65
C VAL B 134 -3.05 13.74 13.35
N VAL B 135 -3.66 13.49 12.18
CA VAL B 135 -4.15 12.13 11.98
C VAL B 135 -3.00 11.16 11.73
N ALA B 136 -1.88 11.65 11.15
CA ALA B 136 -0.67 10.82 11.05
C ALA B 136 -0.16 10.45 12.43
N GLY B 137 -0.12 11.43 13.35
CA GLY B 137 0.31 11.14 14.70
C GLY B 137 -0.57 10.12 15.39
N VAL B 138 -1.89 10.23 15.20
CA VAL B 138 -2.80 9.27 15.82
C VAL B 138 -2.57 7.87 15.27
N ALA B 139 -2.44 7.76 13.95
CA ALA B 139 -2.21 6.47 13.32
C ALA B 139 -0.88 5.88 13.76
N ASN B 140 0.18 6.70 13.82
CA ASN B 140 1.46 6.22 14.31
C ASN B 140 1.36 5.73 15.74
N ALA B 141 0.67 6.49 16.60
CA ALA B 141 0.52 6.08 18.00
C ALA B 141 -0.28 4.78 18.12
N LEU B 142 -1.34 4.63 17.32
CA LEU B 142 -2.09 3.38 17.34
C LEU B 142 -1.27 2.20 16.84
N ALA B 143 -0.34 2.42 15.92
CA ALA B 143 0.48 1.32 15.41
C ALA B 143 1.69 1.05 16.30
N HIS B 144 1.86 1.80 17.38
CA HIS B 144 3.10 1.74 18.16
C HIS B 144 3.33 0.37 18.77
N LYS B 145 2.26 -0.30 19.25
CA LYS B 145 2.44 -1.60 19.86
C LYS B 145 2.66 -2.73 18.84
N TYR B 146 2.37 -2.49 17.56
CA TYR B 146 2.69 -3.49 16.53
C TYR B 146 4.19 -3.71 16.41
N HIS B 147 4.99 -2.72 16.77
CA HIS B 147 6.42 -2.69 16.46
C HIS B 147 7.26 -3.50 17.45
N VAL C 2 -0.59 -2.80 -14.99
CA VAL C 2 -0.71 -3.00 -16.44
C VAL C 2 0.52 -3.75 -16.94
N LEU C 3 0.29 -4.90 -17.56
CA LEU C 3 1.38 -5.76 -18.02
C LEU C 3 1.81 -5.34 -19.42
N SER C 4 3.13 -5.24 -19.61
CA SER C 4 3.67 -5.03 -20.94
C SER C 4 3.58 -6.31 -21.77
N PRO C 5 3.78 -6.23 -23.09
CA PRO C 5 3.92 -7.46 -23.87
C PRO C 5 5.05 -8.34 -23.35
N ALA C 6 6.18 -7.74 -22.93
CA ALA C 6 7.27 -8.53 -22.40
C ALA C 6 6.90 -9.20 -21.08
N ASP C 7 6.15 -8.50 -20.21
CA ASP C 7 5.65 -9.12 -19.00
C ASP C 7 4.83 -10.36 -19.32
N LYS C 8 3.88 -10.23 -20.26
CA LYS C 8 3.01 -11.35 -20.58
C LYS C 8 3.80 -12.53 -21.11
N THR C 9 4.80 -12.26 -21.96
CA THR C 9 5.72 -13.30 -22.43
C THR C 9 6.41 -13.99 -21.28
N ASN C 10 6.96 -13.20 -20.35
CA ASN C 10 7.67 -13.78 -19.21
C ASN C 10 6.74 -14.60 -18.34
N VAL C 11 5.52 -14.11 -18.11
CA VAL C 11 4.60 -14.82 -17.22
C VAL C 11 4.19 -16.15 -17.84
N LYS C 12 3.86 -16.14 -19.13
CA LYS C 12 3.49 -17.39 -19.79
C LYS C 12 4.66 -18.37 -19.83
N ALA C 13 5.88 -17.86 -20.06
CA ALA C 13 7.06 -18.72 -20.08
C ALA C 13 7.33 -19.31 -18.70
N ALA C 14 7.36 -18.46 -17.68
CA ALA C 14 7.69 -18.90 -16.31
C ALA C 14 6.62 -19.85 -15.78
N TRP C 15 5.35 -19.53 -16.00
CA TRP C 15 4.31 -20.42 -15.52
C TRP C 15 4.30 -21.73 -16.30
N GLY C 16 4.73 -21.69 -17.57
CA GLY C 16 5.00 -22.93 -18.28
C GLY C 16 6.10 -23.75 -17.63
N LYS C 17 7.18 -23.09 -17.20
CA LYS C 17 8.26 -23.80 -16.52
C LYS C 17 7.80 -24.39 -15.20
N VAL C 18 6.95 -23.66 -14.47
CA VAL C 18 6.30 -24.21 -13.28
C VAL C 18 5.59 -25.51 -13.64
N GLY C 19 4.72 -25.44 -14.65
CA GLY C 19 4.20 -26.66 -15.26
C GLY C 19 3.31 -27.44 -14.32
N ALA C 20 3.54 -28.75 -14.26
CA ALA C 20 2.68 -29.62 -13.47
C ALA C 20 2.90 -29.43 -11.96
N HIS C 21 3.90 -28.65 -11.55
CA HIS C 21 4.16 -28.40 -10.13
C HIS C 21 3.37 -27.24 -9.58
N ALA C 22 2.49 -26.63 -10.38
CA ALA C 22 1.79 -25.42 -9.94
C ALA C 22 0.96 -25.68 -8.68
N GLY C 23 0.23 -26.79 -8.65
CA GLY C 23 -0.58 -27.10 -7.49
C GLY C 23 0.24 -27.26 -6.22
N GLU C 24 1.39 -27.93 -6.32
CA GLU C 24 2.27 -28.07 -5.18
C GLU C 24 2.74 -26.70 -4.69
N TYR C 25 3.10 -25.82 -5.63
CA TYR C 25 3.63 -24.52 -5.24
C TYR C 25 2.53 -23.66 -4.64
N GLY C 26 1.30 -23.78 -5.13
CA GLY C 26 0.18 -23.11 -4.48
C GLY C 26 0.01 -23.56 -3.04
N ALA C 27 0.13 -24.86 -2.78
CA ALA C 27 0.00 -25.36 -1.42
C ALA C 27 1.16 -24.90 -0.56
N GLU C 28 2.38 -24.90 -1.11
CA GLU C 28 3.53 -24.42 -0.37
C GLU C 28 3.40 -22.93 -0.06
N ALA C 29 2.88 -22.15 -1.01
CA ALA C 29 2.72 -20.72 -0.73
C ALA C 29 1.75 -20.47 0.41
N LEU C 30 0.63 -21.22 0.43
CA LEU C 30 -0.33 -21.12 1.52
C LEU C 30 0.32 -21.46 2.85
N GLU C 31 1.06 -22.58 2.89
CA GLU C 31 1.70 -22.97 4.14
C GLU C 31 2.65 -21.89 4.62
N ARG C 32 3.43 -21.32 3.69
CA ARG C 32 4.34 -20.23 4.03
C ARG C 32 3.58 -19.03 4.58
N MET C 33 2.45 -18.69 3.96
CA MET C 33 1.68 -17.52 4.41
C MET C 33 1.14 -17.75 5.82
N PHE C 34 0.51 -18.89 6.06
CA PHE C 34 -0.08 -19.15 7.37
C PHE C 34 0.98 -19.14 8.47
N LEU C 35 2.19 -19.66 8.20
CA LEU C 35 3.25 -19.67 9.20
C LEU C 35 3.88 -18.30 9.39
N SER C 36 4.18 -17.60 8.29
CA SER C 36 4.86 -16.31 8.38
C SER C 36 3.94 -15.20 8.84
N PHE C 37 2.67 -15.24 8.44
CA PHE C 37 1.71 -14.17 8.70
C PHE C 37 0.47 -14.80 9.31
N PRO C 38 0.56 -15.21 10.58
CA PRO C 38 -0.52 -16.02 11.16
C PRO C 38 -1.86 -15.32 11.21
N THR C 39 -1.92 -13.99 11.06
CA THR C 39 -3.22 -13.32 10.99
C THR C 39 -4.03 -13.80 9.79
N THR C 40 -3.37 -14.31 8.75
CA THR C 40 -4.13 -14.78 7.59
C THR C 40 -4.95 -16.02 7.92
N LYS C 41 -4.61 -16.73 9.00
CA LYS C 41 -5.35 -17.95 9.35
C LYS C 41 -6.79 -17.65 9.73
N THR C 42 -7.11 -16.41 10.11
CA THR C 42 -8.47 -16.08 10.50
C THR C 42 -9.47 -16.24 9.36
N TYR C 43 -9.00 -16.24 8.10
CA TYR C 43 -9.87 -16.42 6.95
C TYR C 43 -10.24 -17.88 6.72
N PHE C 44 -9.56 -18.81 7.40
CA PHE C 44 -9.75 -20.25 7.16
C PHE C 44 -10.05 -20.96 8.48
N PRO C 45 -11.11 -20.54 9.18
CA PRO C 45 -11.33 -21.09 10.54
C PRO C 45 -11.63 -22.58 10.57
N HIS C 46 -12.17 -23.15 9.49
CA HIS C 46 -12.57 -24.56 9.49
C HIS C 46 -11.53 -25.47 8.85
N PHE C 47 -10.43 -24.91 8.37
CA PHE C 47 -9.37 -25.69 7.74
C PHE C 47 -8.47 -26.36 8.77
N ASP C 48 -8.04 -27.56 8.43
CA ASP C 48 -6.84 -28.16 9.02
C ASP C 48 -5.66 -27.44 8.39
N LEU C 49 -5.00 -26.58 9.16
CA LEU C 49 -3.86 -25.80 8.67
C LEU C 49 -2.53 -26.42 9.09
N SER C 50 -2.54 -27.64 9.60
CA SER C 50 -1.30 -28.26 10.04
C SER C 50 -0.40 -28.52 8.84
N HIS C 51 0.90 -28.55 9.12
CA HIS C 51 1.89 -28.85 8.09
C HIS C 51 1.48 -30.09 7.29
N GLY C 52 1.42 -29.91 5.97
CA GLY C 52 1.12 -31.02 5.08
C GLY C 52 -0.30 -31.54 5.12
N SER C 53 -1.24 -30.73 5.58
CA SER C 53 -2.63 -31.17 5.62
C SER C 53 -3.15 -31.37 4.19
N ALA C 54 -3.99 -32.40 4.03
CA ALA C 54 -4.59 -32.64 2.73
C ALA C 54 -5.53 -31.52 2.32
N GLN C 55 -6.10 -30.80 3.29
CA GLN C 55 -6.99 -29.70 2.93
C GLN C 55 -6.21 -28.55 2.31
N VAL C 56 -5.05 -28.21 2.87
CA VAL C 56 -4.25 -27.12 2.31
C VAL C 56 -3.70 -27.53 0.95
N LYS C 57 -3.33 -28.80 0.80
CA LYS C 57 -2.85 -29.27 -0.50
C LYS C 57 -3.95 -29.20 -1.54
N GLY C 58 -5.18 -29.53 -1.17
CA GLY C 58 -6.28 -29.42 -2.11
C GLY C 58 -6.63 -27.98 -2.44
N HIS C 59 -6.54 -27.09 -1.44
CA HIS C 59 -6.82 -25.68 -1.71
C HIS C 59 -5.73 -25.05 -2.55
N GLY C 60 -4.47 -25.44 -2.32
CA GLY C 60 -3.38 -24.92 -3.16
C GLY C 60 -3.55 -25.28 -4.62
N LYS C 61 -4.02 -26.49 -4.91
CA LYS C 61 -4.35 -26.84 -6.28
C LYS C 61 -5.41 -25.91 -6.86
N LYS C 62 -6.42 -25.55 -6.07
CA LYS C 62 -7.46 -24.63 -6.54
C LYS C 62 -6.87 -23.25 -6.83
N VAL C 63 -6.06 -22.73 -5.92
CA VAL C 63 -5.42 -21.43 -6.13
C VAL C 63 -4.56 -21.46 -7.38
N ALA C 64 -3.76 -22.52 -7.53
CA ALA C 64 -2.89 -22.61 -8.71
C ALA C 64 -3.72 -22.72 -9.99
N ASP C 65 -4.81 -23.46 -9.96
CA ASP C 65 -5.60 -23.60 -11.18
C ASP C 65 -6.24 -22.26 -11.55
N ALA C 66 -6.63 -21.47 -10.55
CA ALA C 66 -7.10 -20.11 -10.81
C ALA C 66 -6.02 -19.27 -11.48
N LEU C 67 -4.79 -19.37 -10.98
CA LEU C 67 -3.69 -18.61 -11.57
C LEU C 67 -3.39 -19.09 -12.98
N THR C 68 -3.45 -20.40 -13.22
CA THR C 68 -3.23 -20.90 -14.57
C THR C 68 -4.28 -20.34 -15.52
N ASN C 69 -5.54 -20.25 -15.07
CA ASN C 69 -6.59 -19.67 -15.87
C ASN C 69 -6.36 -18.19 -16.12
N ALA C 70 -5.89 -17.46 -15.10
CA ALA C 70 -5.57 -16.05 -15.29
C ALA C 70 -4.42 -15.87 -16.29
N VAL C 71 -3.41 -16.74 -16.27
CA VAL C 71 -2.34 -16.66 -17.27
C VAL C 71 -2.91 -16.85 -18.67
N ALA C 72 -3.85 -17.79 -18.82
CA ALA C 72 -4.45 -18.06 -20.12
C ALA C 72 -5.37 -16.93 -20.57
N HIS C 73 -5.83 -16.09 -19.65
CA HIS C 73 -6.73 -15.01 -19.98
C HIS C 73 -6.16 -13.67 -19.54
N VAL C 74 -4.85 -13.53 -19.71
CA VAL C 74 -4.12 -12.41 -19.10
C VAL C 74 -4.57 -11.06 -19.65
N ASP C 75 -5.13 -11.03 -20.86
CA ASP C 75 -5.69 -9.81 -21.43
C ASP C 75 -7.11 -9.52 -20.99
N ASP C 76 -7.72 -10.41 -20.20
CA ASP C 76 -9.14 -10.37 -19.93
C ASP C 76 -9.42 -10.89 -18.52
N MET C 77 -8.57 -10.53 -17.57
CA MET C 77 -8.65 -11.13 -16.23
C MET C 77 -9.92 -10.74 -15.47
N PRO C 78 -10.39 -9.48 -15.51
CA PRO C 78 -11.66 -9.19 -14.82
C PRO C 78 -12.79 -10.11 -15.25
N ASN C 79 -12.89 -10.40 -16.55
CA ASN C 79 -13.91 -11.34 -17.01
C ASN C 79 -13.59 -12.75 -16.58
N ALA C 80 -12.32 -13.16 -16.65
CA ALA C 80 -11.96 -14.53 -16.30
C ALA C 80 -12.15 -14.82 -14.81
N LEU C 81 -12.03 -13.80 -13.96
CA LEU C 81 -11.97 -13.99 -12.51
C LEU C 81 -13.20 -13.43 -11.80
N SER C 82 -14.27 -13.16 -12.53
CA SER C 82 -15.41 -12.44 -11.96
C SER C 82 -16.01 -13.19 -10.77
N ALA C 83 -16.12 -14.51 -10.86
CA ALA C 83 -16.70 -15.26 -9.74
C ALA C 83 -15.77 -15.26 -8.54
N LEU C 84 -14.46 -15.36 -8.78
CA LEU C 84 -13.51 -15.32 -7.66
C LEU C 84 -13.50 -13.94 -7.01
N SER C 85 -13.67 -12.89 -7.82
CA SER C 85 -13.73 -11.55 -7.26
C SER C 85 -14.94 -11.40 -6.35
N ASP C 86 -16.08 -11.94 -6.78
CA ASP C 86 -17.25 -11.87 -5.92
C ASP C 86 -17.02 -12.59 -4.60
N LEU C 87 -16.40 -13.77 -4.66
CA LEU C 87 -16.10 -14.51 -3.44
C LEU C 87 -15.17 -13.72 -2.52
N HIS C 88 -14.05 -13.23 -3.05
CA HIS C 88 -13.05 -12.64 -2.16
C HIS C 88 -13.42 -11.24 -1.72
N ALA C 89 -13.94 -10.42 -2.63
CA ALA C 89 -14.17 -9.02 -2.35
C ALA C 89 -15.57 -8.76 -1.79
N HIS C 90 -16.57 -9.47 -2.32
CA HIS C 90 -17.94 -9.21 -1.91
C HIS C 90 -18.35 -10.06 -0.71
N LYS C 91 -17.98 -11.34 -0.72
CA LYS C 91 -18.48 -12.24 0.33
C LYS C 91 -17.52 -12.34 1.51
N LEU C 92 -16.22 -12.60 1.23
CA LEU C 92 -15.25 -12.80 2.31
C LEU C 92 -14.65 -11.50 2.82
N ARG C 93 -14.67 -10.44 2.00
CA ARG C 93 -14.13 -9.13 2.38
C ARG C 93 -12.67 -9.23 2.88
N VAL C 94 -11.84 -9.88 2.05
CA VAL C 94 -10.44 -10.07 2.37
C VAL C 94 -9.73 -8.73 2.30
N ASP C 95 -9.03 -8.38 3.38
CA ASP C 95 -8.22 -7.17 3.38
C ASP C 95 -7.17 -7.27 2.29
N PRO C 96 -7.04 -6.28 1.41
CA PRO C 96 -6.05 -6.36 0.33
C PRO C 96 -4.63 -6.58 0.80
N VAL C 97 -4.30 -6.25 2.06
CA VAL C 97 -2.95 -6.53 2.55
C VAL C 97 -2.64 -8.01 2.45
N ASN C 98 -3.64 -8.88 2.63
CA ASN C 98 -3.37 -10.31 2.61
C ASN C 98 -3.02 -10.82 1.22
N PHE C 99 -3.50 -10.14 0.17
CA PHE C 99 -3.10 -10.54 -1.18
C PHE C 99 -1.63 -10.25 -1.44
N LYS C 100 -1.12 -9.13 -0.91
CA LYS C 100 0.32 -8.89 -0.99
C LYS C 100 1.10 -9.98 -0.23
N LEU C 101 0.55 -10.48 0.88
CA LEU C 101 1.25 -11.52 1.63
C LEU C 101 1.30 -12.83 0.85
N LEU C 102 0.16 -13.28 0.32
CA LEU C 102 0.17 -14.51 -0.46
C LEU C 102 1.00 -14.36 -1.72
N SER C 103 0.91 -13.19 -2.39
CA SER C 103 1.71 -12.99 -3.60
C SER C 103 3.18 -13.10 -3.28
N HIS C 104 3.60 -12.50 -2.17
CA HIS C 104 5.00 -12.62 -1.75
C HIS C 104 5.36 -14.07 -1.46
N CYS C 105 4.47 -14.80 -0.79
CA CYS C 105 4.81 -16.20 -0.46
C CYS C 105 4.85 -17.07 -1.71
N LEU C 106 4.05 -16.76 -2.72
CA LEU C 106 4.16 -17.46 -3.99
C LEU C 106 5.50 -17.14 -4.66
N LEU C 107 5.95 -15.88 -4.60
CA LEU C 107 7.24 -15.54 -5.18
C LEU C 107 8.38 -16.25 -4.44
N VAL C 108 8.30 -16.33 -3.11
CA VAL C 108 9.31 -17.05 -2.33
C VAL C 108 9.33 -18.51 -2.72
N THR C 109 8.14 -19.12 -2.87
CA THR C 109 8.05 -20.52 -3.28
C THR C 109 8.69 -20.74 -4.64
N LEU C 110 8.38 -19.88 -5.61
CA LEU C 110 8.98 -20.00 -6.93
C LEU C 110 10.50 -19.84 -6.85
N ALA C 111 10.98 -18.85 -6.08
CA ALA C 111 12.41 -18.68 -5.94
C ALA C 111 13.08 -19.94 -5.37
N ALA C 112 12.44 -20.56 -4.38
CA ALA C 112 12.99 -21.75 -3.74
C ALA C 112 13.00 -22.95 -4.68
N HIS C 113 12.11 -22.99 -5.67
CA HIS C 113 12.01 -24.15 -6.56
C HIS C 113 12.60 -23.93 -7.94
N LEU C 114 12.94 -22.70 -8.31
CA LEU C 114 13.36 -22.38 -9.67
C LEU C 114 14.71 -21.66 -9.67
N PRO C 115 15.76 -22.29 -9.13
CA PRO C 115 17.06 -21.63 -9.11
C PRO C 115 17.61 -21.35 -10.50
N ALA C 116 17.20 -22.10 -11.52
CA ALA C 116 17.71 -21.89 -12.87
C ALA C 116 16.84 -20.95 -13.72
N GLU C 117 15.62 -20.64 -13.29
CA GLU C 117 14.71 -19.86 -14.12
C GLU C 117 14.10 -18.62 -13.46
N PHE C 118 14.28 -18.40 -12.16
CA PHE C 118 13.68 -17.24 -11.49
C PHE C 118 14.58 -16.02 -11.70
N THR C 119 14.65 -15.57 -12.95
CA THR C 119 15.51 -14.42 -13.28
C THR C 119 14.91 -13.14 -12.72
N PRO C 120 15.70 -12.07 -12.63
CA PRO C 120 15.13 -10.77 -12.21
C PRO C 120 13.99 -10.33 -13.08
N ALA C 121 14.08 -10.52 -14.40
CA ALA C 121 12.98 -10.11 -15.26
C ALA C 121 11.74 -10.95 -15.02
N VAL C 122 11.92 -12.26 -14.80
CA VAL C 122 10.79 -13.13 -14.52
C VAL C 122 10.15 -12.76 -13.18
N HIS C 123 10.99 -12.52 -12.16
CA HIS C 123 10.54 -12.05 -10.86
C HIS C 123 9.69 -10.78 -11.00
N ALA C 124 10.20 -9.82 -11.75
CA ALA C 124 9.47 -8.56 -11.94
C ALA C 124 8.14 -8.77 -12.66
N SER C 125 8.12 -9.60 -13.71
CA SER C 125 6.89 -9.82 -14.46
C SER C 125 5.87 -10.58 -13.63
N LEU C 126 6.32 -11.58 -12.88
CA LEU C 126 5.38 -12.32 -12.04
C LEU C 126 4.81 -11.45 -10.93
N ASP C 127 5.62 -10.56 -10.39
CA ASP C 127 5.11 -9.64 -9.37
C ASP C 127 3.97 -8.79 -9.92
N LYS C 128 4.13 -8.25 -11.14
CA LYS C 128 3.07 -7.45 -11.74
C LYS C 128 1.84 -8.29 -12.02
N PHE C 129 2.04 -9.53 -12.51
CA PHE C 129 0.92 -10.43 -12.74
C PHE C 129 0.13 -10.67 -11.44
N LEU C 130 0.83 -11.00 -10.37
CA LEU C 130 0.16 -11.31 -9.11
C LEU C 130 -0.51 -10.08 -8.53
N ALA C 131 0.12 -8.92 -8.68
CA ALA C 131 -0.52 -7.67 -8.25
C ALA C 131 -1.78 -7.41 -9.07
N SER C 132 -1.75 -7.71 -10.37
CA SER C 132 -2.93 -7.51 -11.20
C SER C 132 -4.06 -8.44 -10.79
N VAL C 133 -3.74 -9.72 -10.54
CA VAL C 133 -4.74 -10.68 -10.07
C VAL C 133 -5.34 -10.21 -8.76
N SER C 134 -4.48 -9.76 -7.84
CA SER C 134 -4.93 -9.27 -6.55
C SER C 134 -5.91 -8.12 -6.71
N THR C 135 -5.61 -7.17 -7.61
CA THR C 135 -6.54 -6.06 -7.85
C THR C 135 -7.90 -6.56 -8.31
N VAL C 136 -7.91 -7.52 -9.22
CA VAL C 136 -9.17 -8.06 -9.69
C VAL C 136 -9.95 -8.73 -8.55
N LEU C 137 -9.25 -9.53 -7.73
CA LEU C 137 -9.94 -10.29 -6.67
C LEU C 137 -10.39 -9.40 -5.52
N THR C 138 -9.83 -8.21 -5.38
CA THR C 138 -10.25 -7.30 -4.31
C THR C 138 -11.17 -6.20 -4.80
N SER C 139 -11.57 -6.25 -6.06
CA SER C 139 -12.47 -5.25 -6.62
C SER C 139 -13.89 -5.79 -6.67
N LYS C 140 -14.84 -4.93 -6.34
CA LYS C 140 -16.26 -5.24 -6.49
C LYS C 140 -16.70 -4.60 -7.81
N TYR C 141 -16.81 -5.43 -8.85
CA TYR C 141 -17.24 -4.97 -10.16
C TYR C 141 -18.33 -5.84 -10.78
N ARG C 142 -18.62 -7.01 -10.21
CA ARG C 142 -19.66 -7.93 -10.69
C ARG C 142 -20.98 -7.60 -10.04
N VAL D 2 13.08 -7.45 17.68
CA VAL D 2 11.80 -8.14 17.73
C VAL D 2 11.94 -9.52 18.37
N HIS D 3 10.82 -10.23 18.51
CA HIS D 3 10.73 -11.39 19.39
C HIS D 3 11.64 -12.53 18.97
N LEU D 4 11.16 -13.41 18.10
CA LEU D 4 11.88 -14.60 17.66
C LEU D 4 12.14 -15.57 18.80
N THR D 5 11.51 -16.75 18.76
CA THR D 5 11.77 -17.80 19.71
C THR D 5 13.26 -18.19 19.66
N PRO D 6 13.78 -18.78 20.73
CA PRO D 6 15.17 -19.28 20.67
C PRO D 6 15.43 -20.23 19.51
N GLU D 7 14.42 -21.02 19.11
CA GLU D 7 14.57 -21.86 17.94
C GLU D 7 14.61 -21.01 16.66
N GLU D 8 13.79 -19.98 16.60
CA GLU D 8 13.82 -19.06 15.47
C GLU D 8 15.15 -18.32 15.40
N LYS D 9 15.70 -17.93 16.56
CA LYS D 9 17.01 -17.28 16.56
C LYS D 9 18.08 -18.21 16.02
N SER D 10 18.06 -19.47 16.44
CA SER D 10 19.05 -20.43 15.96
C SER D 10 18.95 -20.65 14.46
N ALA D 11 17.72 -20.83 13.95
CA ALA D 11 17.54 -21.07 12.53
C ALA D 11 18.02 -19.88 11.71
N VAL D 12 17.75 -18.66 12.18
CA VAL D 12 18.13 -17.46 11.44
C VAL D 12 19.65 -17.34 11.37
N THR D 13 20.32 -17.42 12.53
CA THR D 13 21.77 -17.22 12.53
C THR D 13 22.49 -18.34 11.79
N ALA D 14 21.95 -19.56 11.86
CA ALA D 14 22.55 -20.68 11.14
C ALA D 14 22.52 -20.45 9.63
N LEU D 15 21.41 -19.93 9.11
CA LEU D 15 21.35 -19.67 7.67
C LEU D 15 22.21 -18.50 7.28
N TRP D 16 22.27 -17.45 8.12
CA TRP D 16 23.04 -16.26 7.78
C TRP D 16 24.53 -16.56 7.73
N GLY D 17 24.99 -17.53 8.53
CA GLY D 17 26.38 -17.95 8.46
C GLY D 17 26.78 -18.49 7.10
N LYS D 18 25.80 -18.88 6.28
CA LYS D 18 26.05 -19.41 4.95
C LYS D 18 25.83 -18.38 3.85
N VAL D 19 25.39 -17.17 4.20
CA VAL D 19 25.09 -16.15 3.21
C VAL D 19 26.38 -15.52 2.74
N ASN D 20 26.55 -15.41 1.42
CA ASN D 20 27.72 -14.73 0.90
C ASN D 20 27.59 -13.24 1.11
N VAL D 21 28.47 -12.68 1.94
CA VAL D 21 28.43 -11.27 2.29
C VAL D 21 28.84 -10.37 1.14
N ASP D 22 29.50 -10.91 0.11
CA ASP D 22 29.96 -10.08 -0.98
C ASP D 22 28.91 -9.87 -2.06
N GLU D 23 27.89 -10.73 -2.14
CA GLU D 23 27.04 -10.73 -3.32
C GLU D 23 25.55 -10.60 -3.01
N VAL D 24 25.08 -11.14 -1.88
CA VAL D 24 23.63 -11.24 -1.65
C VAL D 24 23.01 -9.85 -1.50
N GLY D 25 23.72 -8.92 -0.85
CA GLY D 25 23.17 -7.58 -0.73
C GLY D 25 23.00 -6.89 -2.06
N GLY D 26 24.00 -7.03 -2.94
CA GLY D 26 23.88 -6.47 -4.27
C GLY D 26 22.77 -7.12 -5.08
N GLU D 27 22.55 -8.42 -4.88
CA GLU D 27 21.47 -9.09 -5.59
C GLU D 27 20.11 -8.60 -5.11
N ALA D 28 19.98 -8.34 -3.81
CA ALA D 28 18.71 -7.87 -3.28
C ALA D 28 18.43 -6.44 -3.76
N LEU D 29 19.43 -5.56 -3.64
CA LEU D 29 19.26 -4.19 -4.13
C LEU D 29 19.03 -4.18 -5.64
N GLY D 30 19.76 -5.01 -6.38
CA GLY D 30 19.53 -5.08 -7.81
C GLY D 30 18.12 -5.50 -8.16
N ARG D 31 17.63 -6.54 -7.50
CA ARG D 31 16.27 -6.96 -7.81
C ARG D 31 15.23 -5.93 -7.37
N LEU D 32 15.50 -5.18 -6.29
CA LEU D 32 14.59 -4.10 -5.94
C LEU D 32 14.48 -3.09 -7.07
N LEU D 33 15.63 -2.72 -7.67
CA LEU D 33 15.62 -1.73 -8.75
C LEU D 33 14.93 -2.27 -10.00
N VAL D 34 15.00 -3.58 -10.24
CA VAL D 34 14.36 -4.16 -11.41
C VAL D 34 12.86 -4.36 -11.18
N VAL D 35 12.49 -4.91 -10.01
CA VAL D 35 11.10 -5.26 -9.76
C VAL D 35 10.26 -4.04 -9.43
N TYR D 36 10.85 -3.05 -8.74
CA TYR D 36 10.16 -1.82 -8.34
C TYR D 36 10.92 -0.63 -8.92
N PRO D 37 10.73 -0.33 -10.20
CA PRO D 37 11.70 0.56 -10.89
C PRO D 37 11.66 2.01 -10.44
N TRP D 38 10.59 2.46 -9.77
CA TRP D 38 10.64 3.82 -9.22
C TRP D 38 11.77 4.00 -8.21
N THR D 39 12.26 2.91 -7.60
CA THR D 39 13.34 3.04 -6.64
C THR D 39 14.64 3.49 -7.30
N GLN D 40 14.75 3.35 -8.63
CA GLN D 40 15.95 3.84 -9.32
C GLN D 40 16.14 5.35 -9.18
N ARG D 41 15.07 6.07 -8.85
CA ARG D 41 15.16 7.51 -8.71
C ARG D 41 16.14 7.92 -7.61
N PHE D 42 16.43 7.03 -6.67
CA PHE D 42 17.32 7.33 -5.57
C PHE D 42 18.79 7.03 -5.88
N PHE D 43 19.09 6.50 -7.07
CA PHE D 43 20.42 5.96 -7.36
C PHE D 43 20.98 6.48 -8.69
N GLU D 44 20.69 7.74 -9.04
CA GLU D 44 21.17 8.24 -10.34
C GLU D 44 22.70 8.28 -10.41
N SER D 45 23.38 8.47 -9.29
CA SER D 45 24.84 8.51 -9.32
C SER D 45 25.46 7.13 -9.56
N PHE D 46 24.67 6.06 -9.61
CA PHE D 46 25.24 4.74 -9.70
C PHE D 46 25.54 4.31 -11.13
N GLY D 47 25.06 5.03 -12.14
CA GLY D 47 25.35 4.63 -13.51
C GLY D 47 24.19 3.99 -14.25
N ASP D 48 24.51 3.18 -15.25
CA ASP D 48 23.51 2.59 -16.14
C ASP D 48 22.65 1.59 -15.36
N LEU D 49 21.35 1.88 -15.30
CA LEU D 49 20.34 0.98 -14.72
C LEU D 49 19.23 0.67 -15.72
N SER D 50 19.53 0.78 -17.01
CA SER D 50 18.49 0.83 -18.02
C SER D 50 17.93 -0.54 -18.42
N THR D 51 18.60 -1.62 -18.05
CA THR D 51 18.16 -2.98 -18.34
C THR D 51 18.40 -3.84 -17.10
N PRO D 52 17.71 -4.96 -16.97
CA PRO D 52 18.05 -5.86 -15.85
C PRO D 52 19.50 -6.29 -15.86
N ASP D 53 20.07 -6.57 -17.04
CA ASP D 53 21.47 -6.95 -17.10
C ASP D 53 22.39 -5.84 -16.60
N ALA D 54 22.06 -4.59 -16.93
CA ALA D 54 22.85 -3.48 -16.43
C ALA D 54 22.74 -3.35 -14.92
N VAL D 55 21.52 -3.42 -14.38
CA VAL D 55 21.32 -3.31 -12.95
C VAL D 55 22.12 -4.38 -12.21
N MET D 56 21.95 -5.64 -12.62
CA MET D 56 22.52 -6.73 -11.84
C MET D 56 24.03 -6.78 -11.96
N GLY D 57 24.59 -6.17 -13.01
CA GLY D 57 26.03 -6.13 -13.18
C GLY D 57 26.67 -4.82 -12.76
N ASN D 58 25.85 -3.84 -12.38
CA ASN D 58 26.32 -2.50 -12.03
C ASN D 58 27.28 -2.56 -10.85
N PRO D 59 28.52 -2.09 -11.00
CA PRO D 59 29.48 -2.20 -9.89
C PRO D 59 29.09 -1.39 -8.67
N LYS D 60 28.43 -0.24 -8.84
CA LYS D 60 28.04 0.55 -7.68
C LYS D 60 26.92 -0.14 -6.90
N VAL D 61 25.97 -0.76 -7.61
CA VAL D 61 24.94 -1.56 -6.95
C VAL D 61 25.57 -2.65 -6.09
N LYS D 62 26.52 -3.40 -6.67
CA LYS D 62 27.18 -4.47 -5.92
C LYS D 62 27.88 -3.94 -4.68
N ALA D 63 28.65 -2.86 -4.83
CA ALA D 63 29.42 -2.30 -3.72
C ALA D 63 28.50 -1.74 -2.64
N HIS D 64 27.49 -0.97 -3.05
CA HIS D 64 26.53 -0.46 -2.09
C HIS D 64 25.77 -1.60 -1.43
N GLY D 65 25.39 -2.61 -2.21
CA GLY D 65 24.68 -3.75 -1.65
C GLY D 65 25.44 -4.44 -0.54
N LYS D 66 26.77 -4.47 -0.64
CA LYS D 66 27.58 -4.99 0.46
C LYS D 66 27.32 -4.25 1.76
N LYS D 67 27.16 -2.92 1.67
CA LYS D 67 26.90 -2.15 2.88
C LYS D 67 25.50 -2.40 3.39
N VAL D 68 24.51 -2.48 2.49
CA VAL D 68 23.15 -2.84 2.90
C VAL D 68 23.14 -4.16 3.64
N LEU D 69 23.82 -5.17 3.08
CA LEU D 69 23.85 -6.47 3.74
C LEU D 69 24.55 -6.38 5.09
N GLY D 70 25.60 -5.57 5.17
CA GLY D 70 26.28 -5.39 6.45
C GLY D 70 25.37 -4.79 7.51
N ALA D 71 24.44 -3.93 7.09
CA ALA D 71 23.49 -3.36 8.02
C ALA D 71 22.51 -4.43 8.53
N PHE D 72 22.07 -5.32 7.63
CA PHE D 72 21.24 -6.46 8.04
C PHE D 72 22.00 -7.37 9.00
N SER D 73 23.28 -7.62 8.72
CA SER D 73 24.09 -8.43 9.62
C SER D 73 24.15 -7.81 11.02
N ASP D 74 24.28 -6.49 11.08
CA ASP D 74 24.24 -5.78 12.35
C ASP D 74 22.89 -5.98 13.05
N GLY D 75 21.80 -5.86 12.30
CA GLY D 75 20.49 -6.16 12.87
C GLY D 75 20.43 -7.54 13.46
N LEU D 76 20.95 -8.54 12.73
CA LEU D 76 20.91 -9.93 13.21
C LEU D 76 21.75 -10.10 14.47
N ALA D 77 22.78 -9.27 14.65
CA ALA D 77 23.62 -9.35 15.84
C ALA D 77 22.98 -8.65 17.04
N HIS D 78 21.95 -7.83 16.82
CA HIS D 78 21.32 -7.07 17.88
C HIS D 78 19.80 -7.14 17.73
N LEU D 79 19.26 -8.36 17.70
CA LEU D 79 17.84 -8.55 17.40
C LEU D 79 16.94 -7.90 18.44
N ASP D 80 17.42 -7.73 19.66
CA ASP D 80 16.63 -7.15 20.74
C ASP D 80 16.74 -5.63 20.81
N ASN D 81 17.53 -5.01 19.94
CA ASN D 81 17.61 -3.54 19.87
C ASN D 81 17.77 -3.12 18.40
N LEU D 82 16.82 -3.51 17.55
CA LEU D 82 16.88 -3.08 16.16
C LEU D 82 16.71 -1.58 16.02
N LYS D 83 15.89 -0.96 16.88
CA LYS D 83 15.63 0.47 16.74
C LYS D 83 16.90 1.27 16.95
N GLY D 84 17.65 0.97 18.01
CA GLY D 84 18.92 1.66 18.22
C GLY D 84 19.94 1.32 17.15
N THR D 85 20.02 0.04 16.77
CA THR D 85 20.99 -0.39 15.77
C THR D 85 20.82 0.38 14.46
N PHE D 86 19.58 0.71 14.11
CA PHE D 86 19.29 1.37 12.84
C PHE D 86 19.04 2.87 12.98
N ALA D 87 19.35 3.45 14.14
CA ALA D 87 19.06 4.86 14.38
C ALA D 87 19.75 5.78 13.37
N THR D 88 21.05 5.60 13.14
CA THR D 88 21.73 6.46 12.17
C THR D 88 21.16 6.26 10.77
N LEU D 89 20.89 5.01 10.39
CA LEU D 89 20.35 4.81 9.05
C LEU D 89 18.95 5.34 8.93
N SER D 90 18.18 5.31 10.01
CA SER D 90 16.82 5.84 9.98
C SER D 90 16.81 7.33 9.70
N GLU D 91 17.69 8.08 10.37
CA GLU D 91 17.74 9.52 10.10
C GLU D 91 18.19 9.77 8.66
N LEU D 92 19.14 8.96 8.17
CA LEU D 92 19.56 9.08 6.77
C LEU D 92 18.41 8.85 5.81
N HIS D 93 17.70 7.73 5.98
CA HIS D 93 16.69 7.36 4.99
C HIS D 93 15.41 8.16 5.14
N CYS D 94 15.06 8.61 6.36
CA CYS D 94 13.82 9.35 6.54
C CYS D 94 14.02 10.86 6.46
N ASP D 95 15.02 11.39 7.16
CA ASP D 95 15.17 12.83 7.25
C ASP D 95 16.00 13.41 6.11
N LYS D 96 16.95 12.66 5.59
CA LYS D 96 17.79 13.15 4.51
C LYS D 96 17.25 12.75 3.13
N LEU D 97 16.92 11.47 2.96
CA LEU D 97 16.53 10.96 1.66
C LEU D 97 15.01 10.93 1.45
N HIS D 98 14.23 10.92 2.53
CA HIS D 98 12.77 10.84 2.47
C HIS D 98 12.34 9.64 1.62
N VAL D 99 12.97 8.49 1.84
CA VAL D 99 12.49 7.26 1.24
C VAL D 99 11.19 6.85 1.90
N ASP D 100 10.16 6.61 1.09
CA ASP D 100 8.89 6.19 1.66
C ASP D 100 9.06 4.83 2.32
N PRO D 101 8.53 4.65 3.53
CA PRO D 101 8.86 3.44 4.29
C PRO D 101 8.26 2.16 3.74
N GLU D 102 7.23 2.23 2.88
CA GLU D 102 6.82 1.01 2.19
C GLU D 102 7.98 0.39 1.43
N ASN D 103 8.91 1.20 0.93
CA ASN D 103 10.04 0.61 0.20
C ASN D 103 10.98 -0.18 1.10
N PHE D 104 11.07 0.17 2.40
CA PHE D 104 11.87 -0.66 3.30
C PHE D 104 11.30 -2.06 3.38
N ARG D 105 9.97 -2.16 3.47
CA ARG D 105 9.35 -3.48 3.50
C ARG D 105 9.60 -4.23 2.20
N LEU D 106 9.53 -3.53 1.06
CA LEU D 106 9.77 -4.18 -0.22
C LEU D 106 11.19 -4.73 -0.28
N LEU D 107 12.17 -3.96 0.15
CA LEU D 107 13.54 -4.46 0.06
C LEU D 107 13.74 -5.65 0.98
N GLY D 108 13.19 -5.59 2.19
CA GLY D 108 13.25 -6.75 3.07
C GLY D 108 12.61 -7.99 2.44
N ASN D 109 11.50 -7.80 1.74
CA ASN D 109 10.88 -8.98 1.12
C ASN D 109 11.64 -9.45 -0.11
N VAL D 110 12.26 -8.55 -0.87
CA VAL D 110 13.16 -8.98 -1.94
C VAL D 110 14.33 -9.77 -1.34
N LEU D 111 14.87 -9.33 -0.20
CA LEU D 111 15.95 -10.09 0.42
C LEU D 111 15.48 -11.49 0.78
N VAL D 112 14.26 -11.60 1.30
CA VAL D 112 13.72 -12.93 1.58
C VAL D 112 13.66 -13.76 0.31
N CYS D 113 13.27 -13.16 -0.82
CA CYS D 113 13.23 -13.90 -2.08
C CYS D 113 14.63 -14.35 -2.49
N VAL D 114 15.63 -13.49 -2.32
CA VAL D 114 16.98 -13.84 -2.71
C VAL D 114 17.53 -14.97 -1.84
N LEU D 115 17.20 -14.94 -0.54
CA LEU D 115 17.61 -16.04 0.32
C LEU D 115 16.96 -17.35 -0.14
N ALA D 116 15.67 -17.31 -0.47
CA ALA D 116 15.02 -18.50 -0.99
C ALA D 116 15.67 -18.96 -2.29
N HIS D 117 16.05 -18.00 -3.14
CA HIS D 117 16.71 -18.34 -4.40
C HIS D 117 18.04 -19.05 -4.14
N HIS D 118 18.81 -18.59 -3.16
CA HIS D 118 20.11 -19.20 -2.90
C HIS D 118 19.98 -20.54 -2.18
N PHE D 119 19.05 -20.67 -1.25
CA PHE D 119 19.05 -21.83 -0.39
C PHE D 119 18.03 -22.90 -0.80
N GLY D 120 17.07 -22.58 -1.65
CA GLY D 120 16.19 -23.63 -2.15
C GLY D 120 15.38 -24.25 -1.04
N LYS D 121 15.36 -25.58 -0.99
CA LYS D 121 14.53 -26.27 -0.01
C LYS D 121 14.99 -26.04 1.42
N GLU D 122 16.25 -25.65 1.63
CA GLU D 122 16.69 -25.29 2.98
C GLU D 122 15.94 -24.08 3.52
N PHE D 123 15.44 -23.21 2.65
CA PHE D 123 14.67 -22.04 3.10
C PHE D 123 13.24 -22.47 3.39
N THR D 124 13.09 -23.25 4.47
CA THR D 124 11.81 -23.87 4.80
C THR D 124 10.80 -22.82 5.22
N PRO D 125 9.51 -23.17 5.28
CA PRO D 125 8.51 -22.24 5.80
C PRO D 125 8.87 -21.74 7.19
N PRO D 126 9.30 -22.60 8.13
CA PRO D 126 9.69 -22.06 9.44
C PRO D 126 10.87 -21.11 9.38
N VAL D 127 11.87 -21.40 8.56
CA VAL D 127 12.98 -20.48 8.39
C VAL D 127 12.48 -19.16 7.82
N GLN D 128 11.64 -19.21 6.78
CA GLN D 128 11.10 -17.98 6.21
C GLN D 128 10.33 -17.20 7.28
N ALA D 129 9.48 -17.88 8.06
CA ALA D 129 8.68 -17.16 9.06
C ALA D 129 9.58 -16.41 10.03
N ALA D 130 10.71 -17.01 10.40
CA ALA D 130 11.65 -16.31 11.28
C ALA D 130 12.28 -15.12 10.57
N TYR D 131 12.67 -15.28 9.31
CA TYR D 131 13.24 -14.13 8.61
C TYR D 131 12.21 -13.03 8.37
N GLN D 132 10.92 -13.38 8.24
CA GLN D 132 9.94 -12.31 8.06
C GLN D 132 9.84 -11.45 9.31
N LYS D 133 9.99 -12.06 10.49
CA LYS D 133 10.05 -11.26 11.71
C LYS D 133 11.24 -10.33 11.69
N VAL D 134 12.40 -10.82 11.23
CA VAL D 134 13.59 -9.99 11.18
C VAL D 134 13.38 -8.83 10.20
N VAL D 135 12.92 -9.11 8.99
CA VAL D 135 12.92 -8.00 8.02
C VAL D 135 11.81 -7.01 8.33
N ALA D 136 10.72 -7.46 8.97
CA ALA D 136 9.73 -6.52 9.46
C ALA D 136 10.33 -5.63 10.56
N GLY D 137 11.13 -6.22 11.44
CA GLY D 137 11.75 -5.45 12.49
C GLY D 137 12.75 -4.45 11.96
N VAL D 138 13.53 -4.85 10.96
CA VAL D 138 14.46 -3.93 10.31
C VAL D 138 13.70 -2.79 9.66
N ALA D 139 12.64 -3.11 8.91
CA ALA D 139 11.89 -2.07 8.22
C ALA D 139 11.26 -1.10 9.22
N ASN D 140 10.67 -1.62 10.30
CA ASN D 140 10.10 -0.71 11.29
C ASN D 140 11.18 0.14 11.94
N ALA D 141 12.36 -0.45 12.19
CA ALA D 141 13.44 0.32 12.82
C ALA D 141 13.93 1.43 11.88
N LEU D 142 14.07 1.13 10.60
CA LEU D 142 14.46 2.17 9.65
C LEU D 142 13.41 3.27 9.52
N ALA D 143 12.15 2.96 9.74
CA ALA D 143 11.11 3.96 9.61
C ALA D 143 10.90 4.76 10.89
N HIS D 144 11.71 4.51 11.91
CA HIS D 144 11.44 5.08 13.24
C HIS D 144 11.40 6.60 13.21
N LYS D 145 12.27 7.23 12.42
CA LYS D 145 12.25 8.68 12.40
C LYS D 145 11.01 9.24 11.74
N TYR D 146 10.21 8.38 11.10
CA TYR D 146 8.89 8.81 10.65
C TYR D 146 7.85 8.76 11.77
N HIS D 147 8.11 8.01 12.84
CA HIS D 147 7.10 7.79 13.89
C HIS D 147 7.13 8.90 14.96
O1 OXY E . 1.34 15.92 -11.93
O2 OXY E . 0.60 16.69 -11.37
CHA HEM F . 3.10 16.07 -15.31
CHB HEM F . -1.27 14.11 -14.78
CHC HEM F . 0.08 12.39 -10.45
CHD HEM F . 4.38 14.53 -10.88
C1A HEM F . 1.79 15.74 -15.52
C2A HEM F . 0.97 16.19 -16.62
C3A HEM F . -0.24 15.66 -16.47
C4A HEM F . -0.22 14.84 -15.27
CMA HEM F . -1.48 15.84 -17.37
CAA HEM F . 1.45 17.17 -17.71
CBA HEM F . 1.56 16.55 -19.10
CGA HEM F . 2.20 17.61 -19.98
O1A HEM F . 2.23 18.79 -19.55
O2A HEM F . 2.67 17.27 -21.09
C1B HEM F . -1.27 13.49 -13.56
C2B HEM F . -2.39 12.75 -13.02
C3B HEM F . -2.01 12.26 -11.82
C4B HEM F . -0.65 12.69 -11.58
CMB HEM F . -3.73 12.60 -13.77
CAB HEM F . -2.79 11.42 -10.79
CBB HEM F . -4.11 11.20 -10.79
C1C HEM F . 1.34 12.85 -10.15
C2C HEM F . 2.03 12.72 -8.88
C3C HEM F . 3.25 13.31 -9.00
C4C HEM F . 3.32 13.84 -10.34
CMC HEM F . 1.45 11.97 -7.65
CAC HEM F . 4.37 13.47 -7.96
CBC HEM F . 4.12 13.80 -6.68
C1D HEM F . 4.38 15.10 -12.12
C2D HEM F . 5.48 15.84 -12.67
C3D HEM F . 5.14 16.27 -13.89
C4D HEM F . 3.80 15.82 -14.15
CMD HEM F . 6.82 16.07 -11.95
CAD HEM F . 6.01 17.08 -14.85
CBD HEM F . 5.82 18.56 -14.56
CGD HEM F . 6.76 19.34 -15.43
O1D HEM F . 7.99 19.34 -15.13
O2D HEM F . 6.28 19.97 -16.41
NA HEM F . 1.04 14.91 -14.72
NB HEM F . -0.23 13.44 -12.66
NC HEM F . 2.16 13.56 -11.00
ND HEM F . 3.35 15.11 -13.05
FE HEM F . 1.62 14.24 -12.85
C1 MW0 G . -10.69 -1.14 -10.24
C2 MW0 G . -9.64 -0.76 -9.22
C6 MW0 G . -9.90 -0.45 -7.89
C5 MW0 G . -8.60 -0.18 -7.32
C4 MW0 G . -7.68 -0.35 -8.35
C7 MW0 G . -6.19 -0.15 -8.19
O3 MW0 G . -8.33 -0.68 -9.45
O8 MW0 G . -5.53 -0.29 -9.44
O1 OXY H . -12.35 2.06 15.30
O2 OXY H . -13.52 2.16 15.07
CHA HEM I . -12.69 0.02 18.88
CHB HEM I . -10.57 4.29 18.04
CHC HEM I . -9.08 2.67 13.73
CHD HEM I . -11.47 -1.50 14.43
C1A HEM I . -12.25 1.31 19.04
C2A HEM I . -12.51 2.17 20.18
C3A HEM I . -11.91 3.35 19.94
C4A HEM I . -11.27 3.28 18.65
CMA HEM I . -11.90 4.59 20.86
CAA HEM I . -13.32 1.77 21.44
CBA HEM I . -12.42 1.05 22.42
CGA HEM I . -13.13 0.65 23.71
O1A HEM I . -12.42 0.40 24.71
O2A HEM I . -14.38 0.60 23.73
C1B HEM I . -9.95 4.22 16.81
C2B HEM I . -9.14 5.24 16.20
C3B HEM I . -8.73 4.78 15.00
C4B HEM I . -9.27 3.46 14.83
CMB HEM I . -8.85 6.60 16.89
CAB HEM I . -7.83 5.40 13.89
CBB HEM I . -7.18 6.57 13.99
C1C HEM I . -9.66 1.44 13.53
C2C HEM I . -9.67 0.73 12.28
C3C HEM I . -10.33 -0.44 12.47
C4C HEM I . -10.76 -0.48 13.85
CMC HEM I . -9.00 1.29 11.00
CAC HEM I . -10.64 -1.58 11.48
CBC HEM I . -10.55 -1.47 10.15
C1D HEM I . -12.05 -1.44 15.69
C2D HEM I . -12.97 -2.40 16.26
C3D HEM I . -13.30 -1.99 17.49
C4D HEM I . -12.62 -0.72 17.73
CMD HEM I . -13.45 -3.70 15.57
CAD HEM I . -14.25 -2.72 18.45
CBD HEM I . -15.68 -2.33 18.05
CGD HEM I . -16.71 -3.14 18.78
O1D HEM I . -16.87 -4.35 18.47
O2D HEM I . -17.38 -2.58 19.68
NA HEM I . -11.50 2.04 18.12
NB HEM I . -10.01 3.14 15.95
NC HEM I . -10.35 0.68 14.47
ND HEM I . -11.87 -0.42 16.61
FE HEM I . -10.89 1.31 16.30
O1 OXY J . -7.14 -18.32 -1.52
O2 OXY J . -6.67 -19.30 -1.01
CHA HEM K . -11.15 -19.55 -1.86
CHB HEM K . -8.08 -18.22 -5.38
CHC HEM K . -5.98 -15.11 -2.34
CHD HEM K . -8.99 -16.47 1.20
C1A HEM K . -10.45 -19.51 -3.04
C2A HEM K . -10.64 -20.41 -4.15
C3A HEM K . -9.79 -20.05 -5.11
C4A HEM K . -9.04 -18.90 -4.66
CMA HEM K . -9.64 -20.73 -6.48
CAA HEM K . -11.64 -21.58 -4.19
CBA HEM K . -12.89 -21.13 -4.94
CGA HEM K . -14.01 -22.11 -4.75
O1A HEM K . -13.87 -23.04 -3.91
O2A HEM K . -15.05 -21.97 -5.46
C1B HEM K . -7.26 -17.26 -4.88
C2B HEM K . -6.21 -16.59 -5.61
C3B HEM K . -5.64 -15.71 -4.75
C4B HEM K . -6.30 -15.83 -3.48
CMB HEM K . -5.89 -16.86 -7.09
CAB HEM K . -4.45 -14.73 -4.96
CBB HEM K . -3.54 -14.87 -5.94
C1C HEM K . -6.57 -15.24 -1.10
C2C HEM K . -6.17 -14.59 0.12
C3C HEM K . -7.01 -14.95 1.09
C4C HEM K . -7.97 -15.86 0.52
CMC HEM K . -4.96 -13.62 0.19
CAC HEM K . -7.00 -14.56 2.58
CBC HEM K . -5.84 -14.41 3.26
C1D HEM K . -9.82 -17.43 0.68
C2D HEM K . -10.85 -18.13 1.41
C3D HEM K . -11.46 -18.99 0.57
C4D HEM K . -10.82 -18.84 -0.72
CMD HEM K . -11.17 -17.92 2.89
CAD HEM K . -12.63 -19.95 0.88
CBD HEM K . -12.06 -21.24 1.44
CGD HEM K . -13.21 -22.17 1.75
O1D HEM K . -14.02 -21.85 2.65
O2D HEM K . -13.33 -23.23 1.08
NA HEM K . -9.47 -18.58 -3.37
NB HEM K . -7.28 -16.78 -3.58
NC HEM K . -7.69 -16.02 -0.82
ND HEM K . -9.83 -17.88 -0.61
FE HEM K . -8.59 -17.26 -2.09
C1 MW0 L . -0.03 -3.84 -14.33
C2 MW0 L . -0.06 -3.67 -12.82
C6 MW0 L . 1.07 -3.40 -12.04
C5 MW0 L . 0.55 -3.32 -10.70
C4 MW0 L . -0.81 -3.55 -10.80
C7 MW0 L . -1.79 -3.56 -9.63
O3 MW0 L . -1.13 -3.75 -12.06
O8 MW0 L . -3.08 -3.89 -10.12
O1 OXY M . 20.05 1.20 0.56
O2 OXY M . 20.15 0.91 -0.60
CHA HEM N . 22.32 4.32 1.80
CHB HEM N . 20.96 0.36 4.26
CHC HEM N . 16.62 0.53 2.10
CHD HEM N . 18.09 4.28 -0.59
C1A HEM N . 22.34 3.22 2.63
C2A HEM N . 23.48 2.75 3.39
C3A HEM N . 23.11 1.66 4.06
C4A HEM N . 21.71 1.40 3.76
CMA HEM N . 23.98 0.80 5.01
CAA HEM N . 24.89 3.40 3.40
CBA HEM N . 24.93 4.47 4.48
CGA HEM N . 26.32 5.06 4.57
O1A HEM N . 26.49 6.04 5.34
O2A HEM N . 27.25 4.56 3.88
C1B HEM N . 19.67 0.08 3.91
C2B HEM N . 18.84 -0.95 4.48
C3B HEM N . 17.64 -0.90 3.91
C4B HEM N . 17.66 0.16 2.93
CMB HEM N . 19.24 -1.94 5.58
CAB HEM N . 16.50 -1.88 4.27
CBB HEM N . 15.22 -1.54 4.05
C1C HEM N . 16.67 1.52 1.14
C2C HEM N . 15.63 1.79 0.18
C3C HEM N . 16.02 2.85 -0.56
C4C HEM N . 17.33 3.25 -0.09
CMC HEM N . 14.32 0.97 0.10
CAC HEM N . 15.33 3.55 -1.75
CBC HEM N . 14.34 3.05 -2.52
C1D HEM N . 19.35 4.59 -0.17
C2D HEM N . 20.18 5.63 -0.74
C3D HEM N . 21.34 5.67 -0.09
C4D HEM N . 21.31 4.63 0.92
CMD HEM N . 19.68 6.52 -1.89
CAD HEM N . 22.53 6.62 -0.38
CBD HEM N . 23.24 6.06 -1.60
CGD HEM N . 24.29 7.04 -2.07
O1D HEM N . 25.45 6.92 -1.61
O2D HEM N . 23.95 7.91 -2.91
NA HEM N . 21.28 2.36 2.87
NB HEM N . 18.91 0.76 2.96
NC HEM N . 17.69 2.43 0.96
ND HEM N . 20.07 3.99 0.85
FE HEM N . 19.44 2.40 1.93
#